data_6DEW
#
_entry.id   6DEW
#
_cell.length_a   116.450
_cell.length_b   222.780
_cell.length_c   130.780
_cell.angle_alpha   90.00
_cell.angle_beta   90.00
_cell.angle_gamma   90.00
#
_symmetry.space_group_name_H-M   'C 2 2 21'
#
loop_
_entity.id
_entity.type
_entity.pdbx_description
1 polymer 'Ubiquinone biosynthesis protein COQ9, mitochondrial'
2 non-polymer 'SULFATE ION'
3 non-polymer Geraniol
4 non-polymer (2Z,6E)-3,7,11-trimethyldodeca-2,6,10-trien-1-ol
5 non-polymer (2E,6E)-3,7,11-trimethyldodeca-2,6,10-trien-1-ol
6 non-polymer (2Z,6Z)-3,7,11-trimethyldodeca-2,6,10-trien-1-ol
7 water water
#
_entity_poly.entity_id   1
_entity_poly.type   'polypeptide(L)'
_entity_poly.pdbx_seq_one_letter_code
;SHMPPRYTDQGGEEEEDYESEEQLQHRILTAALEFVPAHGWTAEAIAEGAQSLGLSSAAASMFGKDGSELILHFVTQCNT
RLTRVLEEEQKLVQLGQAEKRKTDQFLRDAVETRLRMLIPYIEHWPRALSILMLPHNIPSSLSLLTSMVDDMWHYAGDQS
TDFNWYTRRAMLAAIYNTTELVMMQDSSPDFEDTWRFLENRVNDAMNMGHTA
;
_entity_poly.pdbx_strand_id   A,B,C,D,E,F
#
# COMPACT_ATOMS: atom_id res chain seq x y z
N TYR A 18 49.64 1.63 -3.18
CA TYR A 18 49.50 0.19 -2.94
C TYR A 18 48.25 -0.35 -3.61
N GLU A 19 48.37 -1.47 -4.32
CA GLU A 19 47.24 -2.06 -5.02
C GLU A 19 47.62 -3.46 -5.50
N SER A 20 46.62 -4.32 -5.59
CA SER A 20 46.89 -5.71 -5.93
C SER A 20 47.02 -5.92 -7.43
N GLU A 21 47.52 -7.10 -7.81
CA GLU A 21 47.73 -7.40 -9.22
C GLU A 21 46.42 -7.44 -9.98
N GLU A 22 45.39 -8.02 -9.37
CA GLU A 22 44.09 -8.09 -10.01
C GLU A 22 43.52 -6.68 -10.27
N GLN A 23 43.58 -5.80 -9.27
CA GLN A 23 43.23 -4.40 -9.44
C GLN A 23 44.05 -3.77 -10.56
N LEU A 24 45.38 -4.00 -10.58
CA LEU A 24 46.21 -3.34 -11.58
C LEU A 24 45.76 -3.71 -13.00
N GLN A 25 45.50 -5.01 -13.21
CA GLN A 25 45.09 -5.47 -14.54
C GLN A 25 43.69 -4.95 -14.89
N HIS A 26 42.81 -4.83 -13.91
CA HIS A 26 41.50 -4.24 -14.14
C HIS A 26 41.63 -2.81 -14.66
N ARG A 27 42.51 -2.02 -14.03
CA ARG A 27 42.62 -0.62 -14.40
C ARG A 27 43.19 -0.47 -15.80
N ILE A 28 44.18 -1.31 -16.17
CA ILE A 28 44.76 -1.26 -17.51
C ILE A 28 43.70 -1.59 -18.56
N LEU A 29 42.97 -2.68 -18.34
CA LEU A 29 41.92 -3.04 -19.32
C LEU A 29 40.83 -1.97 -19.42
N THR A 30 40.40 -1.38 -18.31
CA THR A 30 39.48 -0.25 -18.44
C THR A 30 40.08 0.86 -19.30
N ALA A 31 41.29 1.25 -19.04
CA ALA A 31 41.89 2.31 -19.84
C ALA A 31 42.06 1.93 -21.30
N ALA A 32 42.34 0.64 -21.57
CA ALA A 32 42.46 0.19 -22.95
C ALA A 32 41.19 0.46 -23.76
N LEU A 33 40.00 0.44 -23.11
CA LEU A 33 38.74 0.61 -23.85
C LEU A 33 38.73 1.90 -24.68
N GLU A 34 39.33 2.96 -24.18
CA GLU A 34 39.33 4.21 -24.95
C GLU A 34 39.96 4.03 -26.33
N PHE A 35 40.87 3.06 -26.47
CA PHE A 35 41.62 2.86 -27.70
C PHE A 35 41.09 1.78 -28.59
N VAL A 36 40.11 1.00 -28.17
CA VAL A 36 39.47 0.06 -29.08
C VAL A 36 38.86 0.71 -30.32
N PRO A 37 38.16 1.85 -30.23
CA PRO A 37 37.63 2.45 -31.48
C PRO A 37 38.71 2.61 -32.52
N ALA A 38 39.89 3.09 -32.12
CA ALA A 38 41.01 3.28 -33.04
C ALA A 38 41.74 1.99 -33.42
N HIS A 39 41.96 1.09 -32.45
CA HIS A 39 42.89 -0.03 -32.65
C HIS A 39 42.27 -1.43 -32.54
N GLY A 40 40.97 -1.59 -32.26
CA GLY A 40 40.42 -2.92 -32.15
C GLY A 40 40.78 -3.55 -30.82
N TRP A 41 40.33 -4.81 -30.68
CA TRP A 41 40.43 -5.61 -29.46
C TRP A 41 41.78 -6.29 -29.47
N THR A 42 42.81 -5.54 -29.27
CA THR A 42 44.17 -5.99 -29.60
C THR A 42 45.11 -5.65 -28.45
N ALA A 43 46.32 -6.19 -28.57
CA ALA A 43 47.39 -5.82 -27.67
C ALA A 43 47.72 -4.37 -27.81
N GLU A 44 47.62 -3.84 -29.04
CA GLU A 44 47.92 -2.40 -29.25
C GLU A 44 47.03 -1.53 -28.36
N ALA A 45 45.74 -1.90 -28.24
CA ALA A 45 44.86 -1.08 -27.43
C ALA A 45 45.30 -1.20 -26.01
N ILE A 46 45.67 -2.42 -25.59
CA ILE A 46 46.07 -2.61 -24.21
C ILE A 46 47.33 -1.83 -23.90
N ALA A 47 48.29 -1.85 -24.80
CA ALA A 47 49.54 -1.11 -24.60
C ALA A 47 49.29 0.39 -24.50
N GLU A 48 48.45 0.94 -25.41
CA GLU A 48 48.03 2.35 -25.27
C GLU A 48 47.31 2.58 -23.94
N GLY A 49 46.48 1.65 -23.50
CA GLY A 49 45.83 1.83 -22.19
C GLY A 49 46.84 1.99 -21.06
N ALA A 50 47.81 1.09 -21.03
CA ALA A 50 48.82 1.13 -20.01
C ALA A 50 49.56 2.45 -20.08
N GLN A 51 49.94 2.87 -21.27
CA GLN A 51 50.70 4.12 -21.38
C GLN A 51 49.90 5.35 -20.94
N SER A 52 48.57 5.32 -21.19
CA SER A 52 47.67 6.43 -20.84
C SER A 52 47.56 6.57 -19.35
N LEU A 53 47.95 5.57 -18.62
CA LEU A 53 48.02 5.59 -17.15
C LEU A 53 49.41 5.92 -16.65
N GLY A 54 50.36 6.04 -17.52
CA GLY A 54 51.72 6.29 -17.08
C GLY A 54 52.56 5.02 -16.77
N LEU A 55 52.01 3.83 -17.11
CA LEU A 55 52.74 2.57 -16.98
C LEU A 55 53.50 2.27 -18.28
N SER A 56 54.39 1.29 -18.23
CA SER A 56 55.04 0.84 -19.44
C SER A 56 54.10 0.11 -20.38
N SER A 57 54.34 0.26 -21.69
CA SER A 57 53.60 -0.54 -22.66
C SER A 57 53.86 -2.04 -22.49
N ALA A 58 55.02 -2.41 -21.89
CA ALA A 58 55.30 -3.81 -21.57
C ALA A 58 54.24 -4.46 -20.69
N ALA A 59 53.45 -3.66 -19.94
CA ALA A 59 52.35 -4.22 -19.16
C ALA A 59 51.34 -4.95 -20.04
N ALA A 60 51.33 -4.70 -21.35
CA ALA A 60 50.47 -5.53 -22.20
C ALA A 60 50.80 -7.02 -22.11
N SER A 61 52.04 -7.37 -21.71
CA SER A 61 52.47 -8.77 -21.69
C SER A 61 51.78 -9.58 -20.60
N MET A 62 51.08 -8.93 -19.67
CA MET A 62 50.28 -9.67 -18.72
C MET A 62 49.10 -10.36 -19.37
N PHE A 63 48.80 -10.08 -20.63
CA PHE A 63 47.53 -10.48 -21.24
C PHE A 63 47.81 -11.21 -22.52
N GLY A 64 46.86 -12.01 -22.97
CA GLY A 64 47.00 -12.69 -24.24
C GLY A 64 47.03 -11.74 -25.42
N LYS A 65 47.04 -12.33 -26.61
CA LYS A 65 47.07 -11.58 -27.86
C LYS A 65 45.76 -11.57 -28.62
N ASP A 66 44.80 -12.42 -28.26
CA ASP A 66 43.61 -12.57 -29.07
C ASP A 66 42.47 -11.64 -28.66
N GLY A 67 42.62 -10.87 -27.61
CA GLY A 67 41.65 -9.88 -27.21
C GLY A 67 40.59 -10.39 -26.27
N SER A 68 40.64 -11.66 -25.89
CA SER A 68 39.57 -12.27 -25.13
C SER A 68 39.43 -11.60 -23.79
N GLU A 69 40.55 -11.35 -23.10
CA GLU A 69 40.48 -10.75 -21.78
C GLU A 69 39.91 -9.33 -21.85
N LEU A 70 40.28 -8.56 -22.88
CA LEU A 70 39.77 -7.20 -22.98
C LEU A 70 38.28 -7.23 -23.27
N ILE A 71 37.84 -8.09 -24.17
CA ILE A 71 36.41 -8.18 -24.46
C ILE A 71 35.63 -8.66 -23.25
N LEU A 72 36.10 -9.73 -22.59
CA LEU A 72 35.34 -10.23 -21.45
C LEU A 72 35.28 -9.19 -20.32
N HIS A 73 36.37 -8.43 -20.19
CA HIS A 73 36.41 -7.32 -19.26
C HIS A 73 35.36 -6.30 -19.61
N PHE A 74 35.23 -5.98 -20.88
CA PHE A 74 34.28 -5.00 -21.33
C PHE A 74 32.85 -5.45 -21.05
N VAL A 75 32.54 -6.70 -21.34
CA VAL A 75 31.19 -7.20 -21.09
C VAL A 75 30.86 -7.19 -19.60
N THR A 76 31.81 -7.59 -18.78
CA THR A 76 31.58 -7.60 -17.35
C THR A 76 31.33 -6.19 -16.87
N GLN A 77 32.16 -5.24 -17.33
CA GLN A 77 32.04 -3.86 -16.95
C GLN A 77 30.68 -3.31 -17.38
N CYS A 78 30.21 -3.65 -18.60
CA CYS A 78 28.92 -3.20 -19.06
C CYS A 78 27.82 -3.74 -18.18
N ASN A 79 27.88 -5.01 -17.79
CA ASN A 79 26.89 -5.57 -16.91
C ASN A 79 26.89 -4.88 -15.52
N THR A 80 28.07 -4.58 -14.99
CA THR A 80 28.15 -3.79 -13.76
C THR A 80 27.58 -2.41 -13.94
N ARG A 81 27.92 -1.69 -15.02
CA ARG A 81 27.31 -0.37 -15.26
C ARG A 81 25.78 -0.47 -15.31
N LEU A 82 25.26 -1.50 -15.99
CA LEU A 82 23.81 -1.68 -16.05
C LEU A 82 23.18 -1.77 -14.68
N THR A 83 23.71 -2.61 -13.82
CA THR A 83 23.12 -2.78 -12.50
C THR A 83 23.19 -1.46 -11.74
N ARG A 84 24.25 -0.67 -11.98
CA ARG A 84 24.29 0.62 -11.27
C ARG A 84 23.22 1.56 -11.78
N VAL A 85 22.97 1.55 -13.09
CA VAL A 85 21.88 2.34 -13.65
C VAL A 85 20.54 1.86 -13.10
N LEU A 86 20.34 0.55 -13.11
CA LEU A 86 19.05 0.07 -12.63
C LEU A 86 18.86 0.36 -11.17
N GLU A 87 19.92 0.32 -10.38
CA GLU A 87 19.82 0.75 -8.98
C GLU A 87 19.43 2.22 -8.86
N GLU A 88 20.12 3.09 -9.62
CA GLU A 88 19.79 4.52 -9.57
C GLU A 88 18.31 4.76 -9.95
N GLU A 89 17.84 4.16 -11.03
CA GLU A 89 16.47 4.33 -11.45
C GLU A 89 15.50 3.84 -10.39
N GLN A 90 15.80 2.73 -9.74
CA GLN A 90 14.96 2.27 -8.67
C GLN A 90 14.88 3.28 -7.53
N LYS A 91 15.98 3.97 -7.27
CA LYS A 91 15.97 4.94 -6.19
C LYS A 91 15.12 6.11 -6.54
N LEU A 92 15.10 6.53 -7.80
CA LEU A 92 14.22 7.63 -8.21
C LEU A 92 12.79 7.26 -7.96
N VAL A 93 12.43 6.02 -8.25
CA VAL A 93 11.07 5.53 -8.01
C VAL A 93 10.73 5.66 -6.54
N GLN A 94 11.64 5.20 -5.67
CA GLN A 94 11.39 5.23 -4.22
C GLN A 94 11.26 6.65 -3.70
N LEU A 95 11.99 7.59 -4.22
CA LEU A 95 11.83 8.96 -3.82
C LEU A 95 10.65 9.67 -4.47
N GLY A 96 9.83 8.99 -5.29
CA GLY A 96 8.65 9.65 -5.83
C GLY A 96 8.96 10.55 -7.02
N GLN A 97 10.15 10.43 -7.62
CA GLN A 97 10.54 11.21 -8.77
C GLN A 97 10.29 10.55 -10.10
N ALA A 98 9.96 9.26 -10.16
CA ALA A 98 9.69 8.57 -11.39
C ALA A 98 8.61 7.53 -11.19
N GLU A 99 7.81 7.28 -12.24
CA GLU A 99 6.79 6.25 -12.19
C GLU A 99 7.40 4.87 -12.20
N LYS A 100 6.78 3.94 -11.51
CA LYS A 100 7.17 2.54 -11.69
C LYS A 100 6.71 2.08 -13.06
N ARG A 101 7.61 1.58 -13.89
CA ARG A 101 7.27 1.16 -15.25
C ARG A 101 6.71 -0.25 -15.24
N LYS A 102 5.74 -0.52 -16.12
CA LYS A 102 5.34 -1.90 -16.34
C LYS A 102 6.46 -2.68 -17.00
N THR A 103 6.33 -4.00 -17.01
CA THR A 103 7.46 -4.85 -17.42
C THR A 103 7.86 -4.61 -18.86
N ASP A 104 6.91 -4.44 -19.75
CA ASP A 104 7.32 -4.24 -21.14
C ASP A 104 8.18 -2.97 -21.27
N GLN A 105 7.74 -1.85 -20.70
CA GLN A 105 8.58 -0.66 -20.82
C GLN A 105 9.87 -0.80 -20.05
N PHE A 106 9.84 -1.43 -18.86
CA PHE A 106 11.08 -1.62 -18.10
C PHE A 106 12.12 -2.38 -18.92
N LEU A 107 11.67 -3.43 -19.59
CA LEU A 107 12.63 -4.25 -20.27
C LEU A 107 13.17 -3.57 -21.50
N ARG A 108 12.30 -2.90 -22.22
CA ARG A 108 12.74 -2.14 -23.37
C ARG A 108 13.79 -1.11 -22.97
N ASP A 109 13.57 -0.39 -21.87
CA ASP A 109 14.56 0.59 -21.42
C ASP A 109 15.86 -0.09 -20.97
N ALA A 110 15.75 -1.20 -20.23
CA ALA A 110 16.96 -1.89 -19.74
C ALA A 110 17.80 -2.41 -20.91
N VAL A 111 17.18 -3.06 -21.88
CA VAL A 111 17.92 -3.55 -23.03
C VAL A 111 18.53 -2.39 -23.81
N GLU A 112 17.79 -1.31 -24.00
CA GLU A 112 18.35 -0.17 -24.70
C GLU A 112 19.55 0.42 -23.93
N THR A 113 19.39 0.62 -22.62
CA THR A 113 20.50 1.12 -21.81
C THR A 113 21.73 0.26 -22.01
N ARG A 114 21.54 -1.06 -22.00
CA ARG A 114 22.64 -1.95 -22.09
C ARG A 114 23.27 -1.98 -23.48
N LEU A 115 22.46 -1.97 -24.53
CA LEU A 115 22.98 -2.00 -25.88
C LEU A 115 23.60 -0.67 -26.27
N ARG A 116 23.09 0.44 -25.72
CA ARG A 116 23.76 1.70 -26.05
C ARG A 116 25.21 1.74 -25.65
N MET A 117 25.57 0.96 -24.62
CA MET A 117 26.97 0.90 -24.18
C MET A 117 27.89 0.43 -25.29
N LEU A 118 27.34 -0.17 -26.36
CA LEU A 118 28.13 -0.67 -27.47
C LEU A 118 28.40 0.40 -28.52
N ILE A 119 27.70 1.56 -28.50
CA ILE A 119 27.78 2.47 -29.65
C ILE A 119 29.20 2.88 -29.94
N PRO A 120 30.05 3.21 -28.97
CA PRO A 120 31.41 3.68 -29.36
C PRO A 120 32.26 2.61 -30.00
N TYR A 121 31.91 1.35 -29.80
CA TYR A 121 32.63 0.18 -30.27
C TYR A 121 31.93 -0.55 -31.40
N ILE A 122 30.91 0.01 -32.02
CA ILE A 122 30.00 -0.77 -32.85
C ILE A 122 30.71 -1.32 -34.08
N GLU A 123 31.64 -0.57 -34.62
CA GLU A 123 32.37 -1.10 -35.78
C GLU A 123 33.17 -2.34 -35.44
N HIS A 124 33.49 -2.54 -34.18
CA HIS A 124 34.29 -3.69 -33.77
C HIS A 124 33.46 -4.76 -33.11
N TRP A 125 32.15 -4.59 -33.03
CA TRP A 125 31.40 -5.49 -32.17
C TRP A 125 31.12 -6.88 -32.80
N PRO A 126 30.83 -6.97 -34.10
CA PRO A 126 30.80 -8.30 -34.72
C PRO A 126 32.08 -9.09 -34.49
N ARG A 127 33.26 -8.44 -34.59
CA ARG A 127 34.49 -9.15 -34.26
C ARG A 127 34.50 -9.64 -32.82
N ALA A 128 34.12 -8.79 -31.87
CA ALA A 128 34.04 -9.23 -30.48
C ALA A 128 33.09 -10.38 -30.26
N LEU A 129 31.93 -10.35 -30.89
CA LEU A 129 31.03 -11.49 -30.78
C LEU A 129 31.66 -12.77 -31.30
N SER A 130 32.38 -12.71 -32.43
CA SER A 130 32.99 -13.93 -32.95
C SER A 130 34.04 -14.46 -31.97
N ILE A 131 34.74 -13.59 -31.26
CA ILE A 131 35.73 -14.04 -30.29
C ILE A 131 35.07 -14.57 -29.07
N LEU A 132 34.01 -13.91 -28.57
CA LEU A 132 33.24 -14.48 -27.45
C LEU A 132 32.62 -15.85 -27.78
N MET A 133 32.42 -16.17 -29.03
CA MET A 133 31.92 -17.50 -29.37
C MET A 133 33.00 -18.59 -29.54
N LEU A 134 34.28 -18.27 -29.45
CA LEU A 134 35.30 -19.32 -29.58
C LEU A 134 35.08 -20.34 -28.48
N PRO A 135 35.40 -21.63 -28.74
CA PRO A 135 35.10 -22.68 -27.78
C PRO A 135 35.60 -22.40 -26.36
N HIS A 136 36.78 -21.89 -26.21
CA HIS A 136 37.31 -21.67 -24.86
C HIS A 136 36.70 -20.47 -24.17
N ASN A 137 35.99 -19.60 -24.89
CA ASN A 137 35.30 -18.48 -24.29
C ASN A 137 33.83 -18.75 -24.05
N ILE A 138 33.24 -19.73 -24.69
CA ILE A 138 31.77 -19.83 -24.67
C ILE A 138 31.23 -20.00 -23.26
N PRO A 139 31.80 -20.85 -22.41
CA PRO A 139 31.26 -20.95 -21.05
C PRO A 139 31.24 -19.61 -20.34
N SER A 140 32.28 -18.81 -20.45
CA SER A 140 32.27 -17.50 -19.80
C SER A 140 31.25 -16.53 -20.45
N SER A 141 31.17 -16.53 -21.78
CA SER A 141 30.20 -15.65 -22.44
C SER A 141 28.79 -16.03 -22.05
N LEU A 142 28.53 -17.33 -21.90
CA LEU A 142 27.17 -17.71 -21.51
C LEU A 142 26.87 -17.35 -20.08
N SER A 143 27.86 -17.50 -19.19
CA SER A 143 27.67 -17.11 -17.80
C SER A 143 27.35 -15.63 -17.72
N LEU A 144 28.13 -14.82 -18.44
CA LEU A 144 27.85 -13.39 -18.46
C LEU A 144 26.46 -13.03 -19.02
N LEU A 145 26.06 -13.61 -20.15
CA LEU A 145 24.70 -13.37 -20.64
C LEU A 145 23.67 -13.74 -19.58
N THR A 146 23.82 -14.97 -19.02
CA THR A 146 22.86 -15.45 -18.02
C THR A 146 22.78 -14.55 -16.81
N SER A 147 23.94 -14.08 -16.33
CA SER A 147 23.94 -13.13 -15.21
C SER A 147 23.27 -11.83 -15.57
N MET A 148 23.55 -11.28 -16.75
CA MET A 148 22.87 -10.07 -17.22
C MET A 148 21.34 -10.21 -17.21
N VAL A 149 20.77 -11.22 -17.85
CA VAL A 149 19.33 -11.34 -17.87
C VAL A 149 18.82 -11.63 -16.48
N ASP A 150 19.59 -12.31 -15.65
CA ASP A 150 19.15 -12.52 -14.29
C ASP A 150 19.02 -11.18 -13.56
N ASP A 151 20.05 -10.38 -13.62
CA ASP A 151 20.01 -9.03 -13.06
C ASP A 151 18.84 -8.22 -13.58
N MET A 152 18.63 -8.13 -14.91
CA MET A 152 17.51 -7.36 -15.44
C MET A 152 16.23 -7.82 -14.77
N TRP A 153 16.01 -9.14 -14.65
CA TRP A 153 14.77 -9.58 -14.07
C TRP A 153 14.65 -9.27 -12.56
N HIS A 154 15.80 -9.31 -11.87
CA HIS A 154 15.82 -8.91 -10.47
C HIS A 154 15.25 -7.48 -10.27
N TYR A 155 15.68 -6.52 -11.07
CA TYR A 155 15.18 -5.17 -10.99
C TYR A 155 13.81 -4.97 -11.62
N ALA A 156 13.41 -5.82 -12.56
CA ALA A 156 12.03 -5.80 -13.04
C ALA A 156 11.03 -6.28 -12.01
N GLY A 157 11.44 -6.96 -10.96
CA GLY A 157 10.63 -7.21 -9.77
C GLY A 157 10.51 -8.67 -9.38
N ASP A 158 11.20 -9.53 -10.11
CA ASP A 158 11.43 -10.96 -9.80
C ASP A 158 11.30 -11.38 -8.34
N GLN A 159 10.69 -12.54 -8.10
CA GLN A 159 10.65 -13.14 -6.76
C GLN A 159 11.68 -14.24 -6.66
N SER A 160 12.30 -14.35 -5.48
CA SER A 160 13.32 -15.36 -5.25
C SER A 160 12.94 -16.69 -5.90
N THR A 161 11.70 -17.15 -5.68
CA THR A 161 11.26 -18.43 -6.18
C THR A 161 10.24 -18.23 -7.28
N ASP A 162 10.51 -18.82 -8.44
CA ASP A 162 9.70 -18.60 -9.62
C ASP A 162 9.69 -19.84 -10.51
N PHE A 163 8.50 -20.40 -10.76
CA PHE A 163 8.38 -21.56 -11.62
C PHE A 163 8.68 -21.20 -13.07
N ASN A 164 8.62 -19.89 -13.41
CA ASN A 164 8.91 -19.41 -14.74
C ASN A 164 10.38 -18.95 -14.95
N TRP A 165 11.29 -19.39 -14.04
CA TRP A 165 12.70 -18.99 -14.08
C TRP A 165 13.31 -19.16 -15.45
N TYR A 166 13.15 -20.35 -16.06
CA TYR A 166 13.77 -20.52 -17.37
C TYR A 166 13.07 -19.72 -18.48
N THR A 167 11.74 -19.81 -18.52
CA THR A 167 11.01 -19.13 -19.58
C THR A 167 11.38 -17.65 -19.66
N ARG A 168 11.39 -16.98 -18.53
CA ARG A 168 11.72 -15.57 -18.45
C ARG A 168 13.10 -15.31 -18.99
N ARG A 169 14.09 -16.06 -18.51
CA ARG A 169 15.46 -15.80 -18.97
C ARG A 169 15.68 -16.14 -20.45
N ALA A 170 15.10 -17.27 -20.92
CA ALA A 170 15.20 -17.64 -22.32
C ALA A 170 14.59 -16.56 -23.22
N MET A 171 13.38 -16.11 -22.88
N MET A 171 13.40 -16.08 -22.86
CA MET A 171 12.76 -15.04 -23.63
CA MET A 171 12.77 -15.06 -23.65
C MET A 171 13.64 -13.80 -23.63
C MET A 171 13.59 -13.77 -23.62
N LEU A 172 14.03 -13.32 -22.45
CA LEU A 172 14.79 -12.06 -22.44
C LEU A 172 16.16 -12.16 -23.17
N ALA A 173 16.89 -13.27 -23.01
CA ALA A 173 18.08 -13.52 -23.80
C ALA A 173 17.80 -13.48 -25.30
N ALA A 174 16.72 -14.10 -25.75
CA ALA A 174 16.40 -14.03 -27.18
C ALA A 174 16.10 -12.58 -27.65
N ILE A 175 15.34 -11.80 -26.89
CA ILE A 175 15.10 -10.40 -27.27
C ILE A 175 16.44 -9.66 -27.36
N TYR A 176 17.22 -9.73 -26.31
CA TYR A 176 18.55 -9.07 -26.27
C TYR A 176 19.42 -9.41 -27.46
N ASN A 177 19.66 -10.68 -27.69
CA ASN A 177 20.53 -11.11 -28.76
C ASN A 177 19.93 -10.79 -30.11
N THR A 178 18.61 -10.94 -30.30
CA THR A 178 18.02 -10.59 -31.59
C THR A 178 18.24 -9.13 -31.90
N THR A 179 17.99 -8.29 -30.91
CA THR A 179 18.12 -6.85 -31.10
C THR A 179 19.57 -6.44 -31.32
N GLU A 180 20.50 -7.11 -30.61
CA GLU A 180 21.95 -6.88 -30.86
C GLU A 180 22.35 -7.15 -32.32
N LEU A 181 21.91 -8.28 -32.86
CA LEU A 181 22.17 -8.55 -34.28
C LEU A 181 21.59 -7.44 -35.17
N VAL A 182 20.32 -7.01 -34.94
CA VAL A 182 19.73 -5.92 -35.74
C VAL A 182 20.57 -4.65 -35.61
N MET A 183 21.06 -4.34 -34.40
CA MET A 183 21.81 -3.10 -34.23
C MET A 183 23.10 -3.06 -35.06
N MET A 184 23.76 -4.19 -35.23
CA MET A 184 25.00 -4.21 -36.03
C MET A 184 24.76 -3.91 -37.51
N GLN A 185 23.54 -3.98 -38.01
CA GLN A 185 23.21 -3.55 -39.38
C GLN A 185 22.64 -2.13 -39.46
N ASP A 186 22.37 -1.48 -38.35
CA ASP A 186 21.55 -0.28 -38.36
C ASP A 186 22.37 1.01 -38.59
N SER A 187 22.10 1.71 -39.69
CA SER A 187 22.66 3.02 -39.97
C SER A 187 21.72 4.18 -39.71
N SER A 188 20.54 3.99 -39.12
CA SER A 188 19.59 5.07 -38.94
C SER A 188 20.06 6.01 -37.85
N PRO A 189 19.58 7.27 -37.85
CA PRO A 189 20.00 8.25 -36.82
C PRO A 189 19.72 7.83 -35.38
N ASP A 190 20.76 7.88 -34.56
CA ASP A 190 20.77 7.42 -33.18
C ASP A 190 20.16 6.00 -32.99
N PHE A 191 20.29 5.17 -34.01
CA PHE A 191 19.84 3.75 -33.94
C PHE A 191 18.33 3.65 -33.71
N GLU A 192 17.62 4.67 -34.17
CA GLU A 192 16.17 4.73 -34.21
C GLU A 192 15.53 3.40 -34.58
N ASP A 193 15.93 2.86 -35.72
CA ASP A 193 15.31 1.62 -36.20
C ASP A 193 15.55 0.48 -35.24
N THR A 194 16.69 0.44 -34.55
CA THR A 194 16.96 -0.63 -33.58
C THR A 194 15.98 -0.57 -32.40
N TRP A 195 15.78 0.63 -31.84
CA TRP A 195 14.90 0.79 -30.70
C TRP A 195 13.45 0.55 -31.10
N ARG A 196 13.03 0.87 -32.32
CA ARG A 196 11.68 0.49 -32.77
C ARG A 196 11.51 -1.05 -32.89
N PHE A 197 12.51 -1.72 -33.48
CA PHE A 197 12.54 -3.19 -33.46
C PHE A 197 12.46 -3.79 -32.05
N LEU A 198 13.28 -3.31 -31.14
CA LEU A 198 13.24 -3.73 -29.75
C LEU A 198 11.89 -3.54 -29.14
N GLU A 199 11.28 -2.38 -29.34
CA GLU A 199 9.94 -2.16 -28.80
C GLU A 199 8.96 -3.24 -29.26
N ASN A 200 8.95 -3.52 -30.56
CA ASN A 200 8.10 -4.60 -31.11
C ASN A 200 8.40 -5.99 -30.57
N ARG A 201 9.67 -6.30 -30.46
CA ARG A 201 10.06 -7.60 -29.91
C ARG A 201 9.63 -7.76 -28.44
N VAL A 202 9.78 -6.70 -27.66
CA VAL A 202 9.35 -6.77 -26.27
C VAL A 202 7.84 -6.87 -26.19
N ASN A 203 7.13 -5.99 -26.91
CA ASN A 203 5.68 -6.01 -26.88
C ASN A 203 5.17 -7.37 -27.27
N ASP A 204 5.70 -7.94 -28.34
CA ASP A 204 5.27 -9.29 -28.72
C ASP A 204 5.63 -10.35 -27.66
N ALA A 205 6.83 -10.32 -27.06
CA ALA A 205 7.22 -11.33 -26.07
C ALA A 205 6.41 -11.21 -24.80
N MET A 206 6.00 -10.04 -24.41
CA MET A 206 5.23 -9.90 -23.19
C MET A 206 3.74 -10.18 -23.39
N ASN A 207 3.34 -10.33 -24.64
CA ASN A 207 1.97 -10.70 -24.94
C ASN A 207 1.94 -11.68 -26.11
N MET A 208 2.61 -12.82 -25.91
CA MET A 208 2.88 -13.75 -27.01
C MET A 208 1.59 -14.40 -27.49
N GLY A 209 0.64 -14.67 -26.58
CA GLY A 209 -0.59 -15.34 -26.97
C GLY A 209 -1.37 -14.63 -28.06
N HIS A 210 -1.32 -13.29 -28.08
CA HIS A 210 -2.08 -12.47 -29.02
C HIS A 210 -1.18 -11.58 -29.87
N THR A 211 -0.07 -12.11 -30.39
CA THR A 211 0.73 -11.33 -31.32
C THR A 211 0.18 -11.49 -32.74
N ALA A 212 0.50 -10.52 -33.60
CA ALA A 212 0.08 -10.59 -35.01
C ALA A 212 0.50 -11.94 -35.65
N GLU B 21 -29.53 38.84 2.61
CA GLU B 21 -28.34 38.82 3.45
C GLU B 21 -27.47 37.68 2.90
N GLU B 22 -28.14 36.60 2.52
CA GLU B 22 -27.46 35.52 1.82
C GLU B 22 -26.86 36.02 0.52
N GLN B 23 -27.65 36.76 -0.27
CA GLN B 23 -27.19 37.22 -1.58
C GLN B 23 -25.99 38.14 -1.42
N LEU B 24 -26.00 38.99 -0.39
CA LEU B 24 -24.90 39.92 -0.17
C LEU B 24 -23.61 39.19 0.16
N GLN B 25 -23.67 38.22 1.06
CA GLN B 25 -22.48 37.45 1.41
C GLN B 25 -21.95 36.67 0.21
N HIS B 26 -22.83 36.06 -0.56
CA HIS B 26 -22.41 35.40 -1.78
C HIS B 26 -21.59 36.33 -2.68
N ARG B 27 -22.04 37.58 -2.84
CA ARG B 27 -21.32 38.48 -3.71
C ARG B 27 -20.01 38.88 -3.09
N ILE B 28 -20.01 39.11 -1.78
CA ILE B 28 -18.73 39.43 -1.14
C ILE B 28 -17.73 38.29 -1.38
N LEU B 29 -18.14 37.07 -1.12
CA LEU B 29 -17.23 35.93 -1.18
C LEU B 29 -16.72 35.71 -2.60
N THR B 30 -17.56 35.86 -3.61
CA THR B 30 -17.08 35.82 -4.99
C THR B 30 -16.08 36.91 -5.28
N ALA B 31 -16.39 38.16 -4.89
CA ALA B 31 -15.44 39.25 -5.09
C ALA B 31 -14.13 38.97 -4.37
N ALA B 32 -14.20 38.40 -3.18
CA ALA B 32 -12.97 38.15 -2.43
C ALA B 32 -12.01 37.21 -3.13
N LEU B 33 -12.47 36.36 -4.04
CA LEU B 33 -11.57 35.37 -4.66
C LEU B 33 -10.48 36.04 -5.46
N GLU B 34 -10.74 37.22 -5.98
CA GLU B 34 -9.70 37.95 -6.68
C GLU B 34 -8.52 38.29 -5.77
N PHE B 35 -8.74 38.38 -4.48
CA PHE B 35 -7.70 38.80 -3.57
C PHE B 35 -7.04 37.66 -2.88
N VAL B 36 -7.50 36.44 -3.08
CA VAL B 36 -6.87 35.29 -2.45
C VAL B 36 -5.40 35.13 -2.88
N PRO B 37 -5.07 35.22 -4.17
CA PRO B 37 -3.65 35.10 -4.57
C PRO B 37 -2.73 36.01 -3.78
N ALA B 38 -3.19 37.22 -3.48
CA ALA B 38 -2.35 38.18 -2.75
C ALA B 38 -2.42 37.97 -1.24
N HIS B 39 -3.57 37.58 -0.70
CA HIS B 39 -3.85 37.64 0.74
C HIS B 39 -4.19 36.29 1.34
N GLY B 40 -4.29 35.25 0.53
CA GLY B 40 -4.64 33.93 1.08
C GLY B 40 -6.10 33.77 1.44
N TRP B 41 -6.47 32.57 1.92
CA TRP B 41 -7.85 32.23 2.33
C TRP B 41 -8.06 32.85 3.69
N THR B 42 -8.27 34.14 3.72
CA THR B 42 -8.21 34.84 4.98
C THR B 42 -9.33 35.89 5.09
N ALA B 43 -9.51 36.41 6.30
CA ALA B 43 -10.43 37.52 6.47
C ALA B 43 -9.97 38.72 5.67
N GLU B 44 -8.64 38.90 5.57
CA GLU B 44 -8.11 40.03 4.82
C GLU B 44 -8.57 39.96 3.36
N ALA B 45 -8.63 38.76 2.80
CA ALA B 45 -9.14 38.62 1.45
C ALA B 45 -10.63 39.00 1.38
N ILE B 46 -11.42 38.57 2.37
CA ILE B 46 -12.85 38.90 2.38
C ILE B 46 -13.04 40.41 2.53
N ALA B 47 -12.24 41.06 3.39
CA ALA B 47 -12.29 42.51 3.54
C ALA B 47 -11.98 43.20 2.22
N GLU B 48 -10.92 42.77 1.54
CA GLU B 48 -10.61 43.35 0.23
C GLU B 48 -11.76 43.14 -0.74
N GLY B 49 -12.36 41.96 -0.72
CA GLY B 49 -13.49 41.73 -1.57
C GLY B 49 -14.61 42.69 -1.29
N ALA B 50 -14.99 42.82 -0.03
CA ALA B 50 -16.02 43.78 0.34
C ALA B 50 -15.67 45.21 -0.14
N GLN B 51 -14.45 45.64 0.16
CA GLN B 51 -14.02 46.97 -0.22
C GLN B 51 -14.10 47.16 -1.74
N SER B 52 -13.74 46.13 -2.53
CA SER B 52 -13.83 46.21 -3.98
C SER B 52 -15.27 46.37 -4.47
N LEU B 53 -16.26 45.99 -3.68
CA LEU B 53 -17.65 46.26 -4.03
C LEU B 53 -18.09 47.62 -3.48
N GLY B 54 -17.18 48.36 -2.83
CA GLY B 54 -17.55 49.66 -2.29
C GLY B 54 -18.09 49.62 -0.89
N LEU B 55 -18.01 48.48 -0.19
CA LEU B 55 -18.47 48.38 1.19
C LEU B 55 -17.35 48.56 2.20
N SER B 56 -17.74 48.73 3.46
CA SER B 56 -16.75 48.75 4.53
C SER B 56 -16.17 47.35 4.73
N SER B 57 -14.90 47.30 5.15
CA SER B 57 -14.29 46.04 5.53
C SER B 57 -14.99 45.42 6.74
N ALA B 58 -15.76 46.21 7.49
CA ALA B 58 -16.56 45.69 8.58
C ALA B 58 -17.51 44.58 8.13
N ALA B 59 -17.84 44.55 6.84
CA ALA B 59 -18.64 43.44 6.32
C ALA B 59 -17.92 42.10 6.44
N ALA B 60 -16.59 42.08 6.58
CA ALA B 60 -15.90 40.81 6.83
C ALA B 60 -16.31 40.19 8.17
N SER B 61 -16.90 40.98 9.07
CA SER B 61 -17.30 40.45 10.36
C SER B 61 -18.54 39.59 10.28
N MET B 62 -19.25 39.60 9.16
CA MET B 62 -20.29 38.62 8.92
C MET B 62 -19.72 37.21 8.76
N PHE B 63 -18.42 37.07 8.68
CA PHE B 63 -17.82 35.76 8.52
C PHE B 63 -16.82 35.48 9.65
N GLY B 64 -16.57 34.20 9.90
CA GLY B 64 -15.54 33.81 10.85
C GLY B 64 -14.17 34.31 10.42
N LYS B 65 -13.17 34.07 11.25
CA LYS B 65 -11.84 34.62 10.99
C LYS B 65 -10.94 33.66 10.23
N ASP B 66 -11.22 32.35 10.24
CA ASP B 66 -10.28 31.38 9.73
C ASP B 66 -10.45 31.07 8.25
N GLY B 67 -11.33 31.81 7.52
CA GLY B 67 -11.45 31.66 6.08
C GLY B 67 -12.39 30.56 5.58
N SER B 68 -12.95 29.77 6.51
CA SER B 68 -13.74 28.58 6.16
C SER B 68 -14.83 28.88 5.14
N GLU B 69 -15.57 29.98 5.32
CA GLU B 69 -16.74 30.19 4.45
C GLU B 69 -16.26 30.51 3.05
N LEU B 70 -15.13 31.22 2.97
CA LEU B 70 -14.60 31.60 1.64
C LEU B 70 -14.17 30.34 0.89
N ILE B 71 -13.49 29.44 1.57
CA ILE B 71 -13.02 28.19 0.97
C ILE B 71 -14.20 27.33 0.55
N LEU B 72 -15.14 27.15 1.47
CA LEU B 72 -16.27 26.30 1.15
C LEU B 72 -17.10 26.87 -0.03
N HIS B 73 -17.16 28.19 -0.13
CA HIS B 73 -17.84 28.85 -1.22
C HIS B 73 -17.14 28.52 -2.52
N PHE B 74 -15.82 28.62 -2.53
CA PHE B 74 -15.05 28.36 -3.73
C PHE B 74 -15.25 26.90 -4.16
N VAL B 75 -15.16 25.97 -3.20
CA VAL B 75 -15.27 24.56 -3.60
C VAL B 75 -16.64 24.29 -4.21
N THR B 76 -17.68 24.86 -3.60
CA THR B 76 -19.03 24.73 -4.11
C THR B 76 -19.14 25.30 -5.52
N GLN B 77 -18.69 26.53 -5.73
CA GLN B 77 -18.60 27.11 -7.08
C GLN B 77 -17.90 26.21 -8.10
N CYS B 78 -16.72 25.66 -7.75
CA CYS B 78 -15.98 24.77 -8.63
C CYS B 78 -16.81 23.53 -9.01
N ASN B 79 -17.45 22.90 -8.06
CA ASN B 79 -18.26 21.73 -8.37
C ASN B 79 -19.47 22.06 -9.23
N THR B 80 -20.12 23.21 -9.02
CA THR B 80 -21.17 23.66 -9.92
C THR B 80 -20.65 23.86 -11.35
N ARG B 81 -19.53 24.56 -11.49
CA ARG B 81 -18.96 24.73 -12.83
C ARG B 81 -18.66 23.39 -13.47
N LEU B 82 -18.10 22.46 -12.68
CA LEU B 82 -17.77 21.17 -13.26
C LEU B 82 -18.99 20.55 -13.90
N THR B 83 -20.07 20.47 -13.12
CA THR B 83 -21.35 19.91 -13.57
C THR B 83 -21.83 20.55 -14.87
N ARG B 84 -21.74 21.88 -14.96
CA ARG B 84 -22.12 22.57 -16.20
C ARG B 84 -21.26 22.11 -17.38
N VAL B 85 -19.96 21.92 -17.14
CA VAL B 85 -19.08 21.49 -18.22
C VAL B 85 -19.42 20.07 -18.64
N LEU B 86 -19.62 19.20 -17.67
CA LEU B 86 -19.92 17.82 -17.98
C LEU B 86 -21.24 17.69 -18.71
N GLU B 87 -22.20 18.47 -18.36
CA GLU B 87 -23.50 18.41 -19.03
C GLU B 87 -23.41 18.90 -20.47
N GLU B 88 -22.64 19.94 -20.71
CA GLU B 88 -22.46 20.38 -22.10
C GLU B 88 -21.80 19.29 -22.95
N GLU B 89 -20.78 18.65 -22.45
CA GLU B 89 -20.11 17.58 -23.21
C GLU B 89 -21.00 16.36 -23.36
N GLN B 90 -21.75 15.99 -22.32
CA GLN B 90 -22.72 14.91 -22.55
C GLN B 90 -23.70 15.23 -23.67
N LYS B 91 -24.13 16.48 -23.77
CA LYS B 91 -25.13 16.80 -24.79
C LYS B 91 -24.60 16.50 -26.19
N LEU B 92 -23.32 16.82 -26.43
CA LEU B 92 -22.74 16.59 -27.73
C LEU B 92 -22.69 15.10 -28.05
N VAL B 93 -22.39 14.27 -27.05
CA VAL B 93 -22.36 12.83 -27.27
C VAL B 93 -23.75 12.33 -27.64
N GLN B 94 -24.77 12.81 -26.92
CA GLN B 94 -26.16 12.39 -27.18
C GLN B 94 -26.63 12.78 -28.57
N LEU B 95 -26.16 13.92 -29.06
CA LEU B 95 -26.49 14.37 -30.40
C LEU B 95 -25.72 13.62 -31.45
N GLY B 96 -24.80 12.74 -31.07
CA GLY B 96 -24.01 12.02 -32.05
C GLY B 96 -23.00 12.92 -32.69
N GLN B 97 -22.57 13.98 -31.99
CA GLN B 97 -21.59 14.90 -32.53
C GLN B 97 -20.22 14.75 -31.91
N ALA B 98 -20.06 13.84 -30.95
CA ALA B 98 -18.78 13.51 -30.36
C ALA B 98 -18.77 12.02 -29.99
N GLU B 99 -17.59 11.40 -29.97
CA GLU B 99 -17.47 10.02 -29.50
C GLU B 99 -17.80 9.90 -28.00
N LYS B 100 -18.35 8.77 -27.62
CA LYS B 100 -18.49 8.47 -26.21
C LYS B 100 -17.12 8.00 -25.76
N ARG B 101 -16.51 8.68 -24.80
CA ARG B 101 -15.17 8.36 -24.36
C ARG B 101 -15.15 7.14 -23.46
N LYS B 102 -14.10 6.36 -23.57
CA LYS B 102 -13.84 5.33 -22.59
C LYS B 102 -13.72 5.95 -21.23
N THR B 103 -14.05 5.17 -20.19
CA THR B 103 -13.99 5.67 -18.82
C THR B 103 -12.63 6.30 -18.49
N ASP B 104 -11.51 5.66 -18.84
CA ASP B 104 -10.21 6.23 -18.42
C ASP B 104 -10.03 7.65 -19.01
N GLN B 105 -10.41 7.86 -20.27
CA GLN B 105 -10.22 9.15 -20.89
C GLN B 105 -11.19 10.11 -20.29
N PHE B 106 -12.42 9.65 -20.04
CA PHE B 106 -13.44 10.51 -19.44
C PHE B 106 -13.00 11.05 -18.07
N LEU B 107 -12.48 10.17 -17.21
CA LEU B 107 -12.09 10.58 -15.86
C LEU B 107 -10.86 11.47 -15.86
N ARG B 108 -9.87 11.19 -16.72
CA ARG B 108 -8.72 12.05 -16.83
C ARG B 108 -9.20 13.42 -17.20
N ASP B 109 -10.08 13.55 -18.20
CA ASP B 109 -10.57 14.88 -18.61
C ASP B 109 -11.33 15.58 -17.50
N ALA B 110 -12.22 14.84 -16.81
CA ALA B 110 -13.06 15.43 -15.79
C ALA B 110 -12.23 15.90 -14.61
N VAL B 111 -11.22 15.10 -14.22
CA VAL B 111 -10.42 15.50 -13.05
C VAL B 111 -9.57 16.72 -13.38
N GLU B 112 -8.98 16.75 -14.58
CA GLU B 112 -8.15 17.87 -15.01
C GLU B 112 -8.99 19.12 -15.19
N THR B 113 -10.18 19.03 -15.79
CA THR B 113 -11.13 20.18 -15.72
C THR B 113 -11.24 20.75 -14.30
N ARG B 114 -11.58 19.87 -13.35
CA ARG B 114 -11.84 20.29 -12.00
C ARG B 114 -10.59 20.83 -11.30
N LEU B 115 -9.48 20.18 -11.46
CA LEU B 115 -8.27 20.66 -10.80
C LEU B 115 -7.71 21.92 -11.45
N ARG B 116 -7.93 22.13 -12.74
CA ARG B 116 -7.45 23.37 -13.36
C ARG B 116 -8.07 24.61 -12.69
N MET B 117 -9.21 24.43 -12.06
CA MET B 117 -9.90 25.53 -11.37
C MET B 117 -9.15 26.04 -10.15
N LEU B 118 -8.20 25.24 -9.65
CA LEU B 118 -7.36 25.58 -8.54
C LEU B 118 -6.18 26.44 -8.93
N ILE B 119 -5.81 26.49 -10.23
CA ILE B 119 -4.50 27.04 -10.56
C ILE B 119 -4.28 28.45 -10.03
N PRO B 120 -5.20 29.40 -10.19
CA PRO B 120 -4.92 30.78 -9.68
C PRO B 120 -4.59 30.82 -8.18
N TYR B 121 -5.01 29.80 -7.39
CA TYR B 121 -4.92 29.84 -5.94
C TYR B 121 -4.00 28.77 -5.41
N ILE B 122 -3.24 28.12 -6.28
CA ILE B 122 -2.59 26.85 -5.91
C ILE B 122 -1.57 27.05 -4.80
N GLU B 123 -0.89 28.19 -4.77
CA GLU B 123 0.11 28.41 -3.72
C GLU B 123 -0.53 28.42 -2.33
N HIS B 124 -1.82 28.71 -2.21
CA HIS B 124 -2.47 28.74 -0.92
C HIS B 124 -3.31 27.50 -0.67
N TRP B 125 -3.20 26.54 -1.51
CA TRP B 125 -4.13 25.40 -1.40
C TRP B 125 -3.75 24.47 -0.21
N PRO B 126 -2.47 24.25 0.15
CA PRO B 126 -2.23 23.48 1.39
C PRO B 126 -2.97 24.08 2.60
N ARG B 127 -2.87 25.39 2.81
CA ARG B 127 -3.61 26.07 3.86
C ARG B 127 -5.11 25.85 3.72
N ALA B 128 -5.66 25.89 2.48
CA ALA B 128 -7.10 25.70 2.37
C ALA B 128 -7.48 24.31 2.83
N LEU B 129 -6.74 23.32 2.40
CA LEU B 129 -7.05 21.94 2.82
C LEU B 129 -6.99 21.80 4.33
N SER B 130 -5.95 22.35 4.93
CA SER B 130 -5.92 22.28 6.38
C SER B 130 -7.13 22.90 7.06
N ILE B 131 -7.66 23.98 6.52
CA ILE B 131 -8.87 24.55 7.10
C ILE B 131 -10.06 23.63 6.86
N LEU B 132 -10.22 23.10 5.64
CA LEU B 132 -11.33 22.18 5.38
C LEU B 132 -11.30 20.91 6.24
N MET B 133 -10.13 20.55 6.75
CA MET B 133 -10.00 19.42 7.68
C MET B 133 -10.23 19.76 9.15
N LEU B 134 -10.58 20.98 9.46
CA LEU B 134 -10.85 21.25 10.85
C LEU B 134 -12.10 20.45 11.23
N PRO B 135 -12.19 19.96 12.46
CA PRO B 135 -13.37 19.14 12.86
C PRO B 135 -14.73 19.70 12.45
N HIS B 136 -14.98 20.98 12.64
CA HIS B 136 -16.31 21.47 12.30
C HIS B 136 -16.52 21.66 10.80
N ASN B 137 -15.49 21.55 9.96
CA ASN B 137 -15.69 21.65 8.54
C ASN B 137 -15.72 20.29 7.86
N ILE B 138 -15.35 19.25 8.57
CA ILE B 138 -15.04 17.99 7.90
C ILE B 138 -16.32 17.40 7.33
N PRO B 139 -17.46 17.47 8.03
CA PRO B 139 -18.72 17.02 7.42
C PRO B 139 -18.99 17.71 6.08
N SER B 140 -18.81 19.02 6.02
CA SER B 140 -19.08 19.72 4.78
C SER B 140 -18.07 19.32 3.68
N SER B 141 -16.78 19.26 4.05
CA SER B 141 -15.75 18.94 3.05
C SER B 141 -15.96 17.58 2.47
N LEU B 142 -16.26 16.61 3.31
CA LEU B 142 -16.52 15.26 2.85
C LEU B 142 -17.77 15.15 2.00
N SER B 143 -18.85 15.85 2.37
CA SER B 143 -20.03 15.95 1.54
C SER B 143 -19.78 16.57 0.15
N LEU B 144 -19.01 17.65 0.07
CA LEU B 144 -18.65 18.20 -1.22
C LEU B 144 -17.81 17.23 -2.08
N LEU B 145 -16.82 16.56 -1.47
CA LEU B 145 -16.02 15.60 -2.23
C LEU B 145 -16.90 14.45 -2.73
N THR B 146 -17.75 13.97 -1.88
CA THR B 146 -18.57 12.84 -2.28
C THR B 146 -19.50 13.23 -3.41
N SER B 147 -20.14 14.40 -3.28
CA SER B 147 -21.05 14.85 -4.34
C SER B 147 -20.31 15.05 -5.62
N MET B 148 -19.08 15.56 -5.56
CA MET B 148 -18.31 15.76 -6.78
C MET B 148 -18.02 14.44 -7.45
N VAL B 149 -17.55 13.47 -6.68
CA VAL B 149 -17.16 12.19 -7.30
C VAL B 149 -18.41 11.51 -7.88
N ASP B 150 -19.47 11.52 -7.09
CA ASP B 150 -20.78 11.00 -7.58
C ASP B 150 -21.24 11.66 -8.88
N ASP B 151 -21.12 13.00 -8.99
N ASP B 151 -21.12 13.00 -8.99
CA ASP B 151 -21.48 13.67 -10.24
CA ASP B 151 -21.46 13.67 -10.25
C ASP B 151 -20.54 13.24 -11.39
C ASP B 151 -20.54 13.24 -11.39
N MET B 152 -19.24 13.09 -11.13
CA MET B 152 -18.35 12.62 -12.18
C MET B 152 -18.82 11.28 -12.72
N TRP B 153 -19.12 10.35 -11.84
CA TRP B 153 -19.60 9.02 -12.29
C TRP B 153 -20.93 9.09 -13.01
N HIS B 154 -21.79 10.00 -12.58
CA HIS B 154 -23.05 10.19 -13.27
C HIS B 154 -22.87 10.49 -14.76
N TYR B 155 -21.96 11.41 -15.09
CA TYR B 155 -21.68 11.72 -16.49
C TYR B 155 -20.76 10.71 -17.19
N ALA B 156 -20.00 9.92 -16.45
CA ALA B 156 -19.27 8.83 -17.06
C ALA B 156 -20.18 7.74 -17.59
N GLY B 157 -21.41 7.69 -17.12
CA GLY B 157 -22.38 6.77 -17.62
C GLY B 157 -22.70 5.65 -16.70
N ASP B 158 -22.44 5.79 -15.39
CA ASP B 158 -22.73 4.73 -14.43
C ASP B 158 -24.19 4.26 -14.51
N GLN B 159 -24.42 3.03 -14.01
CA GLN B 159 -25.74 2.41 -14.04
C GLN B 159 -26.57 2.90 -12.86
N SER B 160 -27.86 3.08 -13.07
CA SER B 160 -28.70 3.51 -11.96
C SER B 160 -28.47 2.60 -10.75
N THR B 161 -28.47 1.29 -10.97
CA THR B 161 -28.20 0.30 -9.92
C THR B 161 -26.82 -0.29 -10.16
N ASP B 162 -25.96 -0.24 -9.15
CA ASP B 162 -24.57 -0.63 -9.35
C ASP B 162 -24.02 -1.28 -8.09
N PHE B 163 -23.73 -2.59 -8.16
CA PHE B 163 -23.11 -3.26 -7.04
C PHE B 163 -21.69 -2.75 -6.74
N ASN B 164 -21.04 -2.07 -7.70
CA ASN B 164 -19.74 -1.41 -7.47
C ASN B 164 -19.83 0.04 -7.06
N TRP B 165 -20.99 0.49 -6.59
CA TRP B 165 -21.14 1.91 -6.19
C TRP B 165 -20.05 2.46 -5.26
N TYR B 166 -19.73 1.72 -4.22
CA TYR B 166 -18.70 2.18 -3.28
C TYR B 166 -17.28 2.09 -3.88
N THR B 167 -16.96 0.96 -4.51
CA THR B 167 -15.65 0.80 -5.14
C THR B 167 -15.35 1.94 -6.11
N ARG B 168 -16.33 2.31 -6.93
CA ARG B 168 -16.09 3.34 -7.96
C ARG B 168 -15.85 4.70 -7.35
N ARG B 169 -16.61 5.04 -6.30
CA ARG B 169 -16.44 6.33 -5.67
C ARG B 169 -15.20 6.39 -4.78
N ALA B 170 -14.91 5.33 -4.03
CA ALA B 170 -13.69 5.31 -3.25
C ALA B 170 -12.46 5.46 -4.14
N MET B 171 -12.46 4.76 -5.27
CA MET B 171 -11.33 4.85 -6.19
C MET B 171 -11.17 6.25 -6.76
N LEU B 172 -12.26 6.84 -7.24
CA LEU B 172 -12.16 8.15 -7.86
C LEU B 172 -11.78 9.21 -6.85
N ALA B 173 -12.31 9.10 -5.64
CA ALA B 173 -11.89 10.03 -4.59
C ALA B 173 -10.38 9.94 -4.31
N ALA B 174 -9.85 8.73 -4.20
CA ALA B 174 -8.40 8.52 -4.04
C ALA B 174 -7.61 9.08 -5.21
N ILE B 175 -8.05 8.88 -6.44
CA ILE B 175 -7.34 9.45 -7.57
C ILE B 175 -7.30 10.97 -7.47
N TYR B 176 -8.45 11.54 -7.22
CA TYR B 176 -8.58 13.00 -7.20
C TYR B 176 -7.70 13.60 -6.11
N ASN B 177 -7.82 13.05 -4.90
CA ASN B 177 -7.06 13.56 -3.78
C ASN B 177 -5.55 13.35 -3.95
N THR B 178 -5.13 12.18 -4.43
CA THR B 178 -3.71 11.94 -4.65
C THR B 178 -3.14 12.91 -5.70
N THR B 179 -3.88 13.14 -6.79
CA THR B 179 -3.46 14.09 -7.83
C THR B 179 -3.42 15.52 -7.29
N GLU B 180 -4.36 15.90 -6.45
CA GLU B 180 -4.35 17.23 -5.87
C GLU B 180 -3.12 17.43 -5.01
N LEU B 181 -2.72 16.44 -4.18
CA LEU B 181 -1.49 16.56 -3.42
C LEU B 181 -0.28 16.80 -4.35
N VAL B 182 -0.17 16.03 -5.42
CA VAL B 182 0.91 16.24 -6.39
C VAL B 182 0.87 17.63 -7.00
N MET B 183 -0.33 18.12 -7.34
CA MET B 183 -0.47 19.40 -7.99
C MET B 183 0.09 20.52 -7.13
N MET B 184 -0.07 20.37 -5.82
CA MET B 184 0.39 21.43 -4.92
C MET B 184 1.91 21.57 -4.90
N GLN B 185 2.64 20.54 -5.29
CA GLN B 185 4.12 20.61 -5.40
C GLN B 185 4.67 20.81 -6.81
N ASP B 186 3.82 20.92 -7.82
CA ASP B 186 4.26 20.84 -9.23
C ASP B 186 4.66 22.23 -9.74
N SER B 187 5.90 22.40 -10.17
CA SER B 187 6.44 23.58 -10.84
C SER B 187 6.55 23.46 -12.35
N SER B 188 6.11 22.40 -12.97
CA SER B 188 6.35 22.20 -14.40
C SER B 188 5.40 23.11 -15.21
N PRO B 189 5.73 23.36 -16.47
CA PRO B 189 4.90 24.29 -17.29
C PRO B 189 3.47 23.80 -17.54
N ASP B 190 2.52 24.66 -17.21
CA ASP B 190 1.09 24.34 -17.29
C ASP B 190 0.78 22.99 -16.64
N PHE B 191 1.49 22.66 -15.56
CA PHE B 191 1.21 21.49 -14.73
C PHE B 191 1.25 20.21 -15.53
N GLU B 192 2.10 20.14 -16.53
CA GLU B 192 2.23 18.93 -17.34
C GLU B 192 2.60 17.70 -16.50
N ASP B 193 3.40 17.90 -15.44
CA ASP B 193 3.73 16.75 -14.58
C ASP B 193 2.51 16.24 -13.81
N THR B 194 1.65 17.15 -13.36
CA THR B 194 0.41 16.71 -12.68
C THR B 194 -0.52 15.95 -13.63
N TRP B 195 -0.67 16.42 -14.89
CA TRP B 195 -1.58 15.68 -15.77
C TRP B 195 -0.97 14.34 -16.19
N ARG B 196 0.35 14.23 -16.32
CA ARG B 196 0.94 12.91 -16.55
C ARG B 196 0.75 11.96 -15.36
N PHE B 197 0.85 12.46 -14.13
CA PHE B 197 0.59 11.68 -12.94
C PHE B 197 -0.85 11.21 -12.91
N LEU B 198 -1.76 12.13 -13.18
CA LEU B 198 -3.18 11.78 -13.24
C LEU B 198 -3.45 10.65 -14.24
N GLU B 199 -2.89 10.77 -15.42
CA GLU B 199 -3.07 9.78 -16.46
C GLU B 199 -2.68 8.41 -15.97
N ASN B 200 -1.53 8.31 -15.35
CA ASN B 200 -1.03 7.05 -14.78
C ASN B 200 -1.92 6.57 -13.65
N ARG B 201 -2.42 7.48 -12.79
CA ARG B 201 -3.30 7.02 -11.69
C ARG B 201 -4.62 6.51 -12.22
N VAL B 202 -5.15 7.15 -13.28
CA VAL B 202 -6.41 6.68 -13.83
C VAL B 202 -6.21 5.35 -14.55
N ASN B 203 -5.19 5.26 -15.42
CA ASN B 203 -4.94 3.99 -16.12
C ASN B 203 -4.71 2.83 -15.15
N ASP B 204 -3.94 3.04 -14.11
CA ASP B 204 -3.75 1.99 -13.10
C ASP B 204 -5.07 1.64 -12.39
N ALA B 205 -5.85 2.62 -11.99
CA ALA B 205 -7.13 2.36 -11.32
C ALA B 205 -8.11 1.61 -12.21
N MET B 206 -8.14 1.94 -13.50
CA MET B 206 -9.01 1.26 -14.44
C MET B 206 -8.53 -0.11 -14.79
N ASN B 207 -7.36 -0.48 -14.36
CA ASN B 207 -6.83 -1.78 -14.68
C ASN B 207 -5.88 -2.23 -13.57
N MET B 208 -6.44 -2.32 -12.37
CA MET B 208 -5.65 -2.54 -11.16
C MET B 208 -5.01 -3.92 -11.15
N GLY B 209 -5.57 -4.87 -11.92
CA GLY B 209 -4.94 -6.18 -12.06
C GLY B 209 -3.66 -6.18 -12.90
N HIS B 210 -3.53 -5.24 -13.82
CA HIS B 210 -2.37 -5.13 -14.71
C HIS B 210 -1.28 -4.17 -14.22
N THR B 211 -1.28 -3.82 -12.93
CA THR B 211 -0.21 -2.95 -12.42
C THR B 211 1.03 -3.77 -11.99
N SER C 20 -53.38 1.29 -10.41
CA SER C 20 -52.08 1.84 -10.85
C SER C 20 -50.86 1.20 -10.18
N GLU C 21 -49.75 1.10 -10.92
CA GLU C 21 -48.61 0.29 -10.48
C GLU C 21 -47.89 0.88 -9.27
N GLU C 22 -47.52 2.16 -9.34
CA GLU C 22 -46.85 2.77 -8.21
C GLU C 22 -47.79 2.97 -7.05
N GLN C 23 -49.07 3.26 -7.31
CA GLN C 23 -49.99 3.37 -6.20
C GLN C 23 -50.21 2.00 -5.57
N LEU C 24 -50.22 0.95 -6.37
CA LEU C 24 -50.34 -0.40 -5.83
C LEU C 24 -49.14 -0.74 -4.91
N GLN C 25 -47.93 -0.46 -5.35
CA GLN C 25 -46.80 -0.71 -4.48
C GLN C 25 -46.91 0.09 -3.19
N HIS C 26 -47.30 1.34 -3.32
CA HIS C 26 -47.37 2.17 -2.12
C HIS C 26 -48.36 1.58 -1.12
N ARG C 27 -49.54 1.15 -1.59
CA ARG C 27 -50.51 0.61 -0.63
C ARG C 27 -49.99 -0.68 0.01
N ILE C 28 -49.44 -1.59 -0.78
CA ILE C 28 -48.87 -2.83 -0.24
C ILE C 28 -47.79 -2.54 0.80
N LEU C 29 -46.86 -1.65 0.47
CA LEU C 29 -45.77 -1.38 1.40
C LEU C 29 -46.25 -0.66 2.67
N THR C 30 -47.25 0.20 2.58
CA THR C 30 -47.83 0.77 3.78
C THR C 30 -48.44 -0.33 4.64
N ALA C 31 -49.26 -1.19 4.06
CA ALA C 31 -49.83 -2.32 4.81
C ALA C 31 -48.74 -3.23 5.42
N ALA C 32 -47.60 -3.40 4.70
CA ALA C 32 -46.55 -4.29 5.17
C ALA C 32 -45.89 -3.80 6.46
N LEU C 33 -45.82 -2.49 6.68
CA LEU C 33 -45.15 -1.97 7.88
C LEU C 33 -45.75 -2.52 9.19
N GLU C 34 -47.04 -2.81 9.24
CA GLU C 34 -47.66 -3.45 10.40
C GLU C 34 -47.02 -4.79 10.75
N PHE C 35 -46.49 -5.50 9.79
CA PHE C 35 -45.91 -6.80 10.05
C PHE C 35 -44.42 -6.76 10.33
N VAL C 36 -43.77 -5.61 10.25
CA VAL C 36 -42.32 -5.58 10.54
C VAL C 36 -41.93 -5.94 11.96
N PRO C 37 -42.64 -5.51 12.98
CA PRO C 37 -42.25 -5.91 14.34
C PRO C 37 -42.13 -7.41 14.51
N ALA C 38 -43.00 -8.17 13.86
CA ALA C 38 -42.90 -9.62 13.94
C ALA C 38 -42.00 -10.27 12.90
N HIS C 39 -41.91 -9.74 11.67
CA HIS C 39 -41.16 -10.39 10.61
C HIS C 39 -39.91 -9.66 10.21
N GLY C 40 -39.67 -8.51 10.71
CA GLY C 40 -38.48 -7.74 10.29
C GLY C 40 -38.64 -7.13 8.90
N TRP C 41 -37.55 -6.50 8.42
CA TRP C 41 -37.52 -5.80 7.13
C TRP C 41 -37.27 -6.79 6.02
N THR C 42 -38.31 -7.51 5.63
CA THR C 42 -38.11 -8.73 4.84
C THR C 42 -39.17 -8.83 3.74
N ALA C 43 -38.84 -9.68 2.77
CA ALA C 43 -39.81 -10.09 1.77
C ALA C 43 -41.03 -10.71 2.41
N GLU C 44 -40.87 -11.35 3.54
CA GLU C 44 -42.03 -11.95 4.19
C GLU C 44 -42.97 -10.90 4.74
N ALA C 45 -42.46 -9.84 5.34
CA ALA C 45 -43.33 -8.75 5.76
C ALA C 45 -44.09 -8.17 4.57
N ILE C 46 -43.43 -7.99 3.44
CA ILE C 46 -44.10 -7.42 2.29
C ILE C 46 -45.23 -8.36 1.84
N ALA C 47 -44.92 -9.63 1.73
CA ALA C 47 -45.94 -10.61 1.36
C ALA C 47 -47.14 -10.58 2.30
N GLU C 48 -46.92 -10.47 3.62
CA GLU C 48 -48.05 -10.40 4.54
C GLU C 48 -48.83 -9.12 4.32
N GLY C 49 -48.13 -8.03 3.99
CA GLY C 49 -48.82 -6.82 3.62
C GLY C 49 -49.68 -7.00 2.39
N ALA C 50 -49.15 -7.60 1.34
CA ALA C 50 -49.91 -7.78 0.12
C ALA C 50 -51.12 -8.70 0.36
N GLN C 51 -50.90 -9.80 1.09
CA GLN C 51 -52.00 -10.70 1.42
C GLN C 51 -53.09 -9.99 2.21
N SER C 52 -52.74 -9.09 3.15
CA SER C 52 -53.74 -8.45 3.97
C SER C 52 -54.69 -7.60 3.11
N LEU C 53 -54.28 -7.18 1.92
CA LEU C 53 -55.05 -6.34 1.04
C LEU C 53 -55.69 -7.16 -0.06
N GLY C 54 -55.56 -8.49 -0.03
CA GLY C 54 -56.01 -9.33 -1.15
C GLY C 54 -55.25 -9.06 -2.42
N LEU C 55 -53.96 -8.76 -2.35
CA LEU C 55 -53.15 -8.47 -3.52
C LEU C 55 -51.97 -9.42 -3.68
N SER C 56 -52.08 -10.67 -3.23
CA SER C 56 -50.93 -11.58 -3.32
C SER C 56 -50.60 -11.83 -4.78
N SER C 57 -51.60 -11.94 -5.66
CA SER C 57 -51.30 -12.20 -7.07
C SER C 57 -50.55 -11.05 -7.71
N ALA C 58 -51.03 -9.84 -7.52
CA ALA C 58 -50.33 -8.69 -8.09
C ALA C 58 -48.91 -8.60 -7.56
N ALA C 59 -48.73 -8.88 -6.27
CA ALA C 59 -47.38 -8.68 -5.71
C ALA C 59 -46.41 -9.78 -6.05
N ALA C 60 -46.86 -10.85 -6.70
CA ALA C 60 -46.07 -12.08 -6.78
C ALA C 60 -44.67 -11.82 -7.33
N SER C 61 -44.55 -11.02 -8.40
CA SER C 61 -43.26 -10.79 -9.06
C SER C 61 -42.88 -9.31 -9.05
N MET C 62 -43.47 -8.55 -8.16
CA MET C 62 -43.29 -7.10 -8.04
C MET C 62 -42.08 -6.70 -7.23
N PHE C 63 -41.63 -7.52 -6.33
CA PHE C 63 -40.64 -7.10 -5.37
C PHE C 63 -39.43 -8.03 -5.36
N GLY C 64 -38.30 -7.56 -4.84
CA GLY C 64 -37.13 -8.37 -4.63
C GLY C 64 -37.18 -9.28 -3.40
N LYS C 65 -36.03 -9.80 -3.02
CA LYS C 65 -35.95 -10.81 -1.97
C LYS C 65 -35.44 -10.27 -0.64
N ASP C 66 -34.96 -9.05 -0.58
CA ASP C 66 -34.20 -8.62 0.59
C ASP C 66 -34.87 -7.54 1.43
N GLY C 67 -36.08 -7.10 1.09
CA GLY C 67 -36.82 -6.12 1.89
C GLY C 67 -36.44 -4.68 1.65
N SER C 68 -35.55 -4.41 0.68
CA SER C 68 -35.12 -3.05 0.34
C SER C 68 -36.28 -2.07 0.16
N GLU C 69 -37.28 -2.43 -0.63
CA GLU C 69 -38.37 -1.55 -0.98
C GLU C 69 -39.13 -1.13 0.26
N LEU C 70 -39.28 -2.02 1.24
CA LEU C 70 -40.05 -1.76 2.46
C LEU C 70 -39.31 -0.77 3.37
N ILE C 71 -38.00 -0.96 3.52
CA ILE C 71 -37.28 -0.05 4.40
C ILE C 71 -37.17 1.33 3.74
N LEU C 72 -36.97 1.40 2.43
CA LEU C 72 -36.95 2.71 1.78
C LEU C 72 -38.32 3.38 1.83
N HIS C 73 -39.37 2.61 1.68
CA HIS C 73 -40.71 3.11 1.84
C HIS C 73 -40.89 3.73 3.21
N PHE C 74 -40.44 3.07 4.25
CA PHE C 74 -40.60 3.55 5.60
C PHE C 74 -39.86 4.89 5.80
N VAL C 75 -38.58 4.94 5.38
CA VAL C 75 -37.82 6.19 5.52
C VAL C 75 -38.53 7.32 4.78
N THR C 76 -38.99 7.03 3.57
CA THR C 76 -39.71 8.01 2.77
C THR C 76 -40.94 8.50 3.54
N GLN C 77 -41.71 7.56 4.08
CA GLN C 77 -42.91 7.96 4.80
C GLN C 77 -42.58 8.75 6.07
N CYS C 78 -41.55 8.35 6.80
CA CYS C 78 -41.10 9.15 7.94
C CYS C 78 -40.78 10.58 7.52
N ASN C 79 -40.08 10.75 6.43
CA ASN C 79 -39.76 12.11 5.98
C ASN C 79 -41.01 12.87 5.57
N THR C 80 -42.00 12.16 4.99
CA THR C 80 -43.25 12.84 4.60
C THR C 80 -44.02 13.30 5.82
N ARG C 81 -44.08 12.45 6.86
CA ARG C 81 -44.71 12.81 8.10
C ARG C 81 -43.98 13.94 8.75
N LEU C 82 -42.64 13.97 8.69
CA LEU C 82 -41.91 15.09 9.30
C LEU C 82 -42.30 16.42 8.65
N THR C 83 -42.29 16.45 7.33
CA THR C 83 -42.68 17.63 6.58
C THR C 83 -44.06 18.10 6.97
N ARG C 84 -45.00 17.17 7.11
CA ARG C 84 -46.34 17.57 7.49
C ARG C 84 -46.34 18.19 8.89
N VAL C 85 -45.59 17.59 9.81
CA VAL C 85 -45.54 18.09 11.17
C VAL C 85 -44.90 19.49 11.18
N LEU C 86 -43.84 19.66 10.44
CA LEU C 86 -43.13 20.94 10.45
C LEU C 86 -43.95 22.01 9.76
N GLU C 87 -44.64 21.67 8.66
CA GLU C 87 -45.58 22.63 8.04
C GLU C 87 -46.74 23.02 8.97
N GLU C 88 -47.33 22.08 9.69
CA GLU C 88 -48.43 22.42 10.60
C GLU C 88 -47.95 23.36 11.70
N GLU C 89 -46.75 23.14 12.25
CA GLU C 89 -46.22 24.01 13.29
C GLU C 89 -45.90 25.38 12.73
N GLN C 90 -45.43 25.47 11.51
CA GLN C 90 -45.22 26.75 10.89
C GLN C 90 -46.54 27.48 10.74
N LYS C 91 -47.59 26.81 10.29
CA LYS C 91 -48.90 27.45 10.15
C LYS C 91 -49.37 28.04 11.47
N LEU C 92 -49.22 27.29 12.57
CA LEU C 92 -49.60 27.80 13.88
C LEU C 92 -48.83 29.08 14.19
N VAL C 93 -47.54 29.11 13.96
CA VAL C 93 -46.78 30.32 14.26
C VAL C 93 -47.30 31.46 13.42
N GLN C 94 -47.52 31.23 12.13
CA GLN C 94 -48.00 32.29 11.27
C GLN C 94 -49.32 32.84 11.73
N LEU C 95 -50.21 32.00 12.23
CA LEU C 95 -51.50 32.43 12.75
C LEU C 95 -51.43 33.02 14.16
N GLY C 96 -50.28 33.06 14.81
CA GLY C 96 -50.21 33.54 16.19
C GLY C 96 -50.70 32.52 17.21
N GLN C 97 -50.75 31.27 16.88
CA GLN C 97 -51.16 30.21 17.80
C GLN C 97 -50.00 29.45 18.42
N ALA C 98 -48.78 29.83 18.15
CA ALA C 98 -47.63 29.19 18.75
C ALA C 98 -46.50 30.22 18.68
N GLU C 99 -45.59 30.14 19.63
CA GLU C 99 -44.45 31.05 19.71
C GLU C 99 -43.27 30.46 18.97
N LYS C 100 -42.68 31.23 18.06
CA LYS C 100 -41.47 30.86 17.36
C LYS C 100 -40.38 30.36 18.32
N ARG C 101 -39.64 29.35 17.90
CA ARG C 101 -38.54 28.84 18.70
C ARG C 101 -37.19 29.25 18.11
N LYS C 102 -36.19 29.37 18.97
CA LYS C 102 -34.85 29.63 18.47
C LYS C 102 -34.34 28.40 17.74
N THR C 103 -33.31 28.61 16.93
CA THR C 103 -32.89 27.58 15.99
C THR C 103 -32.39 26.34 16.70
N ASP C 104 -31.61 26.51 17.76
CA ASP C 104 -31.11 25.34 18.49
C ASP C 104 -32.26 24.46 19.01
N GLN C 105 -33.27 25.08 19.59
CA GLN C 105 -34.41 24.33 20.12
C GLN C 105 -35.23 23.74 18.99
N PHE C 106 -35.41 24.51 17.90
CA PHE C 106 -36.10 24.00 16.73
C PHE C 106 -35.46 22.71 16.22
N LEU C 107 -34.12 22.71 16.10
CA LEU C 107 -33.44 21.56 15.52
C LEU C 107 -33.48 20.39 16.45
N ARG C 108 -33.28 20.64 17.74
CA ARG C 108 -33.41 19.58 18.71
C ARG C 108 -34.78 18.94 18.61
N ASP C 109 -35.84 19.75 18.57
CA ASP C 109 -37.19 19.20 18.52
C ASP C 109 -37.46 18.46 17.21
N ALA C 110 -37.01 19.00 16.08
CA ALA C 110 -37.27 18.35 14.80
C ALA C 110 -36.53 17.02 14.66
N VAL C 111 -35.29 16.97 15.17
CA VAL C 111 -34.58 15.67 15.15
C VAL C 111 -35.26 14.63 16.08
N GLU C 112 -35.63 15.04 17.26
CA GLU C 112 -36.36 14.13 18.13
C GLU C 112 -37.69 13.69 17.53
N THR C 113 -38.48 14.61 16.98
CA THR C 113 -39.72 14.21 16.30
C THR C 113 -39.45 13.15 15.26
N ARG C 114 -38.40 13.33 14.45
CA ARG C 114 -38.10 12.35 13.38
C ARG C 114 -37.60 11.03 13.90
N LEU C 115 -36.76 11.07 14.91
CA LEU C 115 -36.20 9.85 15.46
C LEU C 115 -37.24 9.07 16.22
N ARG C 116 -38.19 9.79 16.87
CA ARG C 116 -39.25 9.03 17.55
C ARG C 116 -40.06 8.12 16.62
N MET C 117 -40.12 8.45 15.33
CA MET C 117 -40.85 7.57 14.42
C MET C 117 -40.27 6.18 14.37
N LEU C 118 -39.00 6.03 14.73
CA LEU C 118 -38.30 4.75 14.70
C LEU C 118 -38.66 3.85 15.86
N ILE C 119 -39.30 4.37 16.90
CA ILE C 119 -39.43 3.60 18.14
C ILE C 119 -40.16 2.29 17.94
N PRO C 120 -41.29 2.20 17.22
CA PRO C 120 -41.96 0.88 17.07
C PRO C 120 -41.13 -0.17 16.37
N TYR C 121 -40.09 0.24 15.65
CA TYR C 121 -39.26 -0.68 14.86
C TYR C 121 -37.81 -0.72 15.32
N ILE C 122 -37.51 -0.17 16.49
CA ILE C 122 -36.11 0.15 16.86
C ILE C 122 -35.29 -1.12 17.05
N GLU C 123 -35.92 -2.19 17.50
CA GLU C 123 -35.20 -3.45 17.65
C GLU C 123 -34.71 -4.01 16.32
N HIS C 124 -35.33 -3.64 15.23
CA HIS C 124 -34.91 -4.08 13.93
C HIS C 124 -34.01 -3.08 13.22
N TRP C 125 -33.60 -2.03 13.88
CA TRP C 125 -32.97 -0.92 13.15
C TRP C 125 -31.55 -1.21 12.68
N PRO C 126 -30.75 -1.96 13.43
CA PRO C 126 -29.42 -2.24 12.92
C PRO C 126 -29.50 -3.02 11.63
N ARG C 127 -30.46 -3.93 11.54
CA ARG C 127 -30.61 -4.67 10.30
C ARG C 127 -31.12 -3.76 9.17
N ALA C 128 -32.00 -2.80 9.51
CA ALA C 128 -32.50 -1.87 8.49
C ALA C 128 -31.36 -1.06 7.95
N LEU C 129 -30.51 -0.58 8.84
CA LEU C 129 -29.38 0.22 8.34
C LEU C 129 -28.44 -0.61 7.48
N SER C 130 -28.26 -1.89 7.85
CA SER C 130 -27.46 -2.73 6.97
C SER C 130 -28.06 -2.86 5.57
N ILE C 131 -29.37 -2.87 5.45
CA ILE C 131 -29.98 -2.97 4.13
C ILE C 131 -29.90 -1.64 3.38
N LEU C 132 -30.10 -0.54 4.07
CA LEU C 132 -30.06 0.79 3.49
C LEU C 132 -28.71 1.12 2.94
N MET C 133 -27.64 0.56 3.46
CA MET C 133 -26.28 0.77 2.96
C MET C 133 -25.84 -0.19 1.83
N LEU C 134 -26.67 -1.15 1.48
CA LEU C 134 -26.25 -1.94 0.36
C LEU C 134 -26.07 -1.01 -0.84
N PRO C 135 -25.17 -1.40 -1.77
CA PRO C 135 -24.84 -0.50 -2.88
C PRO C 135 -25.98 -0.22 -3.80
N HIS C 136 -26.94 -1.11 -4.02
CA HIS C 136 -28.06 -0.68 -4.86
C HIS C 136 -29.08 0.23 -4.13
N ASN C 137 -29.02 0.35 -2.80
CA ASN C 137 -29.91 1.21 -2.04
C ASN C 137 -29.27 2.53 -1.63
N ILE C 138 -27.94 2.60 -1.54
CA ILE C 138 -27.38 3.77 -0.84
C ILE C 138 -27.64 5.10 -1.58
N PRO C 139 -27.70 5.14 -2.91
CA PRO C 139 -28.07 6.43 -3.56
C PRO C 139 -29.43 6.93 -3.15
N SER C 140 -30.41 6.05 -2.98
CA SER C 140 -31.69 6.47 -2.47
C SER C 140 -31.63 6.89 -1.00
N SER C 141 -30.93 6.11 -0.19
CA SER C 141 -30.78 6.44 1.24
C SER C 141 -30.18 7.82 1.46
N LEU C 142 -29.10 8.12 0.75
CA LEU C 142 -28.47 9.44 0.79
C LEU C 142 -29.38 10.55 0.27
N SER C 143 -30.08 10.34 -0.83
CA SER C 143 -31.08 11.30 -1.31
C SER C 143 -32.20 11.59 -0.27
N LEU C 144 -32.73 10.56 0.40
CA LEU C 144 -33.69 10.77 1.48
C LEU C 144 -33.12 11.57 2.65
N LEU C 145 -31.90 11.25 3.08
CA LEU C 145 -31.26 11.99 4.15
C LEU C 145 -31.09 13.45 3.76
N THR C 146 -30.59 13.72 2.54
N THR C 146 -30.56 13.72 2.57
CA THR C 146 -30.35 15.11 2.13
CA THR C 146 -30.36 15.10 2.09
C THR C 146 -31.66 15.88 2.04
C THR C 146 -31.66 15.87 2.05
N SER C 147 -32.72 15.25 1.50
CA SER C 147 -34.03 15.90 1.51
C SER C 147 -34.53 16.20 2.92
N MET C 148 -34.47 15.24 3.84
CA MET C 148 -34.92 15.48 5.20
C MET C 148 -34.17 16.67 5.82
N VAL C 149 -32.84 16.73 5.64
CA VAL C 149 -32.02 17.81 6.22
C VAL C 149 -32.42 19.15 5.64
N ASP C 150 -32.57 19.22 4.32
CA ASP C 150 -33.02 20.43 3.65
C ASP C 150 -34.41 20.83 4.12
N ASP C 151 -35.30 19.89 4.34
N ASP C 151 -35.30 19.89 4.34
CA ASP C 151 -36.61 20.24 4.88
CA ASP C 151 -36.61 20.22 4.88
C ASP C 151 -36.51 20.88 6.25
C ASP C 151 -36.51 20.88 6.24
N MET C 152 -35.72 20.28 7.15
CA MET C 152 -35.56 20.81 8.49
C MET C 152 -35.04 22.24 8.45
N TRP C 153 -34.04 22.50 7.62
CA TRP C 153 -33.51 23.87 7.56
C TRP C 153 -34.48 24.82 6.88
N HIS C 154 -35.27 24.34 5.89
CA HIS C 154 -36.30 25.22 5.32
C HIS C 154 -37.25 25.76 6.40
N TYR C 155 -37.69 24.93 7.31
CA TYR C 155 -38.62 25.35 8.33
C TYR C 155 -37.90 25.96 9.49
N ALA C 156 -36.63 25.67 9.71
CA ALA C 156 -35.93 26.35 10.80
C ALA C 156 -35.75 27.84 10.53
N GLY C 157 -35.58 28.22 9.29
CA GLY C 157 -35.30 29.60 8.96
C GLY C 157 -33.81 29.91 8.99
N ASP C 158 -33.50 31.13 8.59
CA ASP C 158 -32.12 31.53 8.42
C ASP C 158 -31.69 32.61 9.41
N GLN C 159 -32.45 32.82 10.48
CA GLN C 159 -32.17 33.94 11.39
C GLN C 159 -30.97 33.65 12.30
N SER C 160 -30.69 32.39 12.60
CA SER C 160 -29.65 32.10 13.57
C SER C 160 -28.28 32.61 13.12
N THR C 161 -27.55 33.22 14.05
CA THR C 161 -26.19 33.67 13.81
C THR C 161 -25.14 32.59 14.15
N ASP C 162 -25.53 31.52 14.84
CA ASP C 162 -24.58 30.50 15.25
C ASP C 162 -24.27 29.52 14.14
N PHE C 163 -25.24 29.19 13.30
CA PHE C 163 -25.05 28.34 12.14
C PHE C 163 -24.86 29.20 10.91
N ASN C 164 -23.92 28.78 10.02
CA ASN C 164 -23.73 29.51 8.77
C ASN C 164 -24.11 28.62 7.60
N TRP C 165 -24.46 29.27 6.48
CA TRP C 165 -25.05 28.54 5.37
C TRP C 165 -24.17 27.41 4.88
N TYR C 166 -22.83 27.60 4.95
CA TYR C 166 -21.91 26.70 4.26
C TYR C 166 -21.66 25.38 4.98
N THR C 167 -21.89 25.30 6.27
CA THR C 167 -21.68 24.03 6.98
C THR C 167 -22.92 23.41 7.56
N ARG C 168 -24.04 24.13 7.58
CA ARG C 168 -25.15 23.71 8.40
C ARG C 168 -25.82 22.43 7.88
N ARG C 169 -25.91 22.24 6.59
CA ARG C 169 -26.59 21.05 6.08
C ARG C 169 -25.84 19.79 6.48
N ALA C 170 -24.57 19.71 6.16
CA ALA C 170 -23.81 18.52 6.53
C ALA C 170 -23.67 18.41 8.03
N MET C 171 -23.56 19.51 8.73
CA MET C 171 -23.49 19.40 10.19
C MET C 171 -24.79 18.79 10.75
N LEU C 172 -25.93 19.23 10.31
CA LEU C 172 -27.19 18.63 10.78
C LEU C 172 -27.28 17.14 10.37
N ALA C 173 -26.82 16.76 9.19
CA ALA C 173 -26.82 15.33 8.80
C ALA C 173 -25.96 14.52 9.76
N ALA C 174 -24.79 15.08 10.14
CA ALA C 174 -23.92 14.37 11.08
C ALA C 174 -24.54 14.30 12.45
N ILE C 175 -25.18 15.37 12.90
CA ILE C 175 -25.85 15.31 14.18
C ILE C 175 -26.99 14.28 14.15
N TYR C 176 -27.72 14.23 13.05
CA TYR C 176 -28.83 13.28 12.98
C TYR C 176 -28.31 11.84 12.99
N ASN C 177 -27.29 11.54 12.16
CA ASN C 177 -26.80 10.16 12.04
C ASN C 177 -26.17 9.69 13.33
N THR C 178 -25.39 10.53 14.01
CA THR C 178 -24.78 10.06 15.25
C THR C 178 -25.83 9.91 16.36
N THR C 179 -26.83 10.80 16.42
CA THR C 179 -27.89 10.64 17.40
C THR C 179 -28.67 9.35 17.13
N GLU C 180 -28.92 9.06 15.87
CA GLU C 180 -29.54 7.79 15.47
C GLU C 180 -28.75 6.61 15.96
N LEU C 181 -27.43 6.64 15.85
CA LEU C 181 -26.62 5.52 16.33
C LEU C 181 -26.68 5.37 17.84
N VAL C 182 -26.67 6.49 18.55
CA VAL C 182 -26.81 6.46 20.01
C VAL C 182 -28.16 5.89 20.43
N MET C 183 -29.21 6.29 19.76
CA MET C 183 -30.53 5.78 20.07
C MET C 183 -30.62 4.27 20.02
N MET C 184 -29.96 3.65 19.06
CA MET C 184 -30.07 2.20 18.89
C MET C 184 -29.46 1.45 20.04
N GLN C 185 -28.57 2.05 20.84
CA GLN C 185 -28.00 1.39 22.00
C GLN C 185 -28.54 1.96 23.31
N ASP C 186 -29.52 2.84 23.23
CA ASP C 186 -30.00 3.55 24.42
C ASP C 186 -31.07 2.72 25.14
N SER C 187 -30.80 2.34 26.38
CA SER C 187 -31.79 1.65 27.22
C SER C 187 -32.42 2.53 28.30
N SER C 188 -32.25 3.84 28.25
CA SER C 188 -32.68 4.71 29.35
C SER C 188 -34.15 5.10 29.18
N PRO C 189 -34.80 5.58 30.23
CA PRO C 189 -36.25 5.85 30.15
C PRO C 189 -36.62 6.86 29.09
N ASP C 190 -37.49 6.44 28.18
CA ASP C 190 -37.90 7.26 27.04
C ASP C 190 -36.71 7.93 26.34
N PHE C 191 -35.60 7.19 26.26
CA PHE C 191 -34.45 7.60 25.44
C PHE C 191 -33.88 8.94 25.91
N GLU C 192 -33.98 9.17 27.21
CA GLU C 192 -33.40 10.35 27.86
C GLU C 192 -31.95 10.58 27.45
N ASP C 193 -31.13 9.54 27.46
CA ASP C 193 -29.73 9.71 27.11
C ASP C 193 -29.57 10.17 25.64
N THR C 194 -30.45 9.71 24.74
CA THR C 194 -30.35 10.09 23.34
C THR C 194 -30.61 11.58 23.17
N TRP C 195 -31.68 12.11 23.76
CA TRP C 195 -31.98 13.54 23.62
C TRP C 195 -30.94 14.42 24.33
N ARG C 196 -30.36 13.95 25.43
CA ARG C 196 -29.25 14.69 26.03
C ARG C 196 -28.03 14.73 25.12
N PHE C 197 -27.68 13.62 24.50
CA PHE C 197 -26.63 13.60 23.51
C PHE C 197 -26.94 14.56 22.37
N LEU C 198 -28.17 14.49 21.81
CA LEU C 198 -28.57 15.41 20.75
C LEU C 198 -28.39 16.87 21.19
N GLU C 199 -28.80 17.17 22.41
CA GLU C 199 -28.68 18.53 22.93
C GLU C 199 -27.25 19.00 22.89
N ASN C 200 -26.35 18.18 23.41
CA ASN C 200 -24.95 18.52 23.45
C ASN C 200 -24.37 18.64 22.06
N ARG C 201 -24.84 17.83 21.08
CA ARG C 201 -24.25 17.96 19.75
C ARG C 201 -24.71 19.24 19.08
N VAL C 202 -25.98 19.63 19.30
CA VAL C 202 -26.46 20.89 18.72
C VAL C 202 -25.73 22.08 19.35
N ASN C 203 -25.56 22.03 20.67
CA ASN C 203 -24.76 23.06 21.35
C ASN C 203 -23.31 23.13 20.83
N ASP C 204 -22.66 21.99 20.58
CA ASP C 204 -21.34 21.95 19.97
C ASP C 204 -21.33 22.64 18.61
N ALA C 205 -22.24 22.24 17.72
CA ALA C 205 -22.34 22.87 16.40
C ALA C 205 -22.50 24.37 16.47
N MET C 206 -23.23 24.89 17.47
CA MET C 206 -23.45 26.33 17.56
C MET C 206 -22.17 27.15 17.71
N ASN C 207 -21.15 26.60 18.37
CA ASN C 207 -19.87 27.30 18.48
C ASN C 207 -19.00 27.14 17.22
N SER D 20 30.46 9.43 7.08
CA SER D 20 30.85 10.83 7.30
C SER D 20 30.10 11.73 6.33
N GLU D 21 30.11 11.39 5.04
CA GLU D 21 29.27 12.10 4.07
C GLU D 21 27.82 12.11 4.53
N GLU D 22 27.37 10.99 5.11
CA GLU D 22 26.03 10.95 5.67
C GLU D 22 25.91 11.89 6.86
N GLN D 23 26.87 11.81 7.80
CA GLN D 23 26.80 12.61 9.01
C GLN D 23 26.89 14.11 8.69
N LEU D 24 27.63 14.46 7.65
CA LEU D 24 27.69 15.86 7.25
C LEU D 24 26.31 16.35 6.80
N GLN D 25 25.65 15.60 5.93
CA GLN D 25 24.33 16.01 5.46
C GLN D 25 23.36 16.10 6.61
N HIS D 26 23.53 15.25 7.63
CA HIS D 26 22.69 15.30 8.82
C HIS D 26 22.81 16.65 9.52
N ARG D 27 24.04 17.13 9.69
CA ARG D 27 24.20 18.40 10.37
C ARG D 27 23.73 19.57 9.52
N ILE D 28 23.85 19.49 8.19
CA ILE D 28 23.29 20.54 7.35
C ILE D 28 21.77 20.61 7.54
N LEU D 29 21.11 19.47 7.49
CA LEU D 29 19.66 19.45 7.67
C LEU D 29 19.26 20.05 9.02
N THR D 30 19.99 19.74 10.09
CA THR D 30 19.61 20.27 11.39
C THR D 30 19.82 21.77 11.43
N ALA D 31 20.96 22.26 10.95
CA ALA D 31 21.18 23.70 10.86
C ALA D 31 20.10 24.38 10.00
N ALA D 32 19.64 23.70 8.95
CA ALA D 32 18.62 24.29 8.07
C ALA D 32 17.31 24.61 8.83
N LEU D 33 17.01 23.88 9.89
CA LEU D 33 15.73 24.05 10.58
C LEU D 33 15.58 25.43 11.16
N GLU D 34 16.68 26.03 11.63
CA GLU D 34 16.58 27.39 12.17
C GLU D 34 16.05 28.37 11.14
N PHE D 35 16.23 28.04 9.86
CA PHE D 35 15.80 28.93 8.78
C PHE D 35 14.48 28.57 8.16
N VAL D 36 13.90 27.45 8.55
CA VAL D 36 12.62 27.10 7.93
C VAL D 36 11.56 28.12 8.32
N PRO D 37 11.54 28.68 9.53
CA PRO D 37 10.41 29.61 9.85
C PRO D 37 10.36 30.79 8.91
N ALA D 38 11.54 31.19 8.47
CA ALA D 38 11.70 32.30 7.54
C ALA D 38 11.55 31.86 6.10
N HIS D 39 12.07 30.70 5.70
CA HIS D 39 12.16 30.32 4.29
C HIS D 39 11.36 29.11 3.90
N GLY D 40 10.72 28.45 4.81
CA GLY D 40 9.98 27.27 4.42
C GLY D 40 10.90 26.08 4.16
N TRP D 41 10.31 24.98 3.64
CA TRP D 41 10.96 23.66 3.50
C TRP D 41 11.70 23.66 2.15
N THR D 42 12.74 24.49 2.06
CA THR D 42 13.26 24.85 0.74
C THR D 42 14.77 24.76 0.63
N ALA D 43 15.26 24.86 -0.62
CA ALA D 43 16.67 24.87 -0.88
C ALA D 43 17.33 26.07 -0.22
N GLU D 44 16.61 27.19 -0.20
CA GLU D 44 17.11 28.39 0.47
C GLU D 44 17.36 28.14 1.96
N ALA D 45 16.48 27.44 2.64
CA ALA D 45 16.73 27.12 4.04
C ALA D 45 17.95 26.25 4.16
N ILE D 46 18.05 25.23 3.29
CA ILE D 46 19.20 24.35 3.29
C ILE D 46 20.48 25.16 3.07
N ALA D 47 20.44 26.13 2.16
CA ALA D 47 21.67 26.89 1.89
C ALA D 47 22.05 27.74 3.09
N GLU D 48 21.07 28.33 3.76
CA GLU D 48 21.36 29.13 4.95
C GLU D 48 21.92 28.25 6.07
N GLY D 49 21.38 27.04 6.20
CA GLY D 49 21.95 26.11 7.16
C GLY D 49 23.41 25.79 6.86
N ALA D 50 23.69 25.38 5.62
CA ALA D 50 25.06 25.04 5.27
C ALA D 50 25.98 26.26 5.49
N GLN D 51 25.59 27.41 4.95
CA GLN D 51 26.36 28.63 5.17
C GLN D 51 26.53 28.92 6.65
N SER D 52 25.52 28.61 7.48
CA SER D 52 25.61 28.87 8.92
C SER D 52 26.71 28.02 9.54
N LEU D 53 26.86 26.80 9.06
CA LEU D 53 28.04 26.02 9.33
C LEU D 53 29.13 26.59 8.43
N GLY D 54 30.34 26.16 8.62
CA GLY D 54 31.43 26.83 7.92
C GLY D 54 31.37 26.73 6.41
N LEU D 55 30.40 25.99 5.89
CA LEU D 55 30.47 25.49 4.54
C LEU D 55 29.99 26.52 3.53
N SER D 56 29.97 26.10 2.27
CA SER D 56 29.22 26.73 1.20
C SER D 56 28.05 25.80 0.90
N SER D 57 27.48 25.93 -0.30
CA SER D 57 26.48 24.98 -0.78
C SER D 57 27.15 23.67 -1.21
N ALA D 58 27.88 23.06 -0.26
CA ALA D 58 28.35 21.68 -0.38
C ALA D 58 27.30 20.66 0.08
N ALA D 59 26.04 21.02 0.02
CA ALA D 59 24.97 20.14 0.44
C ALA D 59 24.44 19.31 -0.73
N ALA D 60 23.87 18.15 -0.39
CA ALA D 60 23.19 17.34 -1.38
C ALA D 60 22.29 18.22 -2.23
N SER D 61 22.13 17.85 -3.50
CA SER D 61 21.37 18.66 -4.42
C SER D 61 19.89 18.72 -3.99
N MET D 62 19.19 19.66 -4.61
CA MET D 62 17.74 19.77 -4.47
C MET D 62 17.15 20.30 -5.78
N PHE D 63 17.81 20.03 -6.93
CA PHE D 63 17.44 20.66 -8.19
C PHE D 63 16.07 20.20 -8.70
N GLY D 64 15.65 18.98 -8.35
CA GLY D 64 14.32 18.50 -8.72
C GLY D 64 13.62 17.72 -7.63
N LYS D 65 13.47 18.30 -6.43
CA LYS D 65 12.82 17.61 -5.33
C LYS D 65 12.11 18.60 -4.41
N ASP D 66 11.21 18.08 -3.60
CA ASP D 66 10.51 18.84 -2.58
C ASP D 66 11.36 18.83 -1.31
N GLY D 67 10.78 19.18 -0.19
CA GLY D 67 11.53 19.19 1.05
C GLY D 67 11.29 17.98 1.91
N SER D 68 10.84 16.90 1.26
CA SER D 68 10.62 15.60 1.93
C SER D 68 11.73 15.29 2.92
N GLU D 69 12.98 15.33 2.47
CA GLU D 69 14.07 14.88 3.31
C GLU D 69 14.15 15.71 4.57
N LEU D 70 14.06 17.04 4.42
CA LEU D 70 14.19 17.94 5.55
C LEU D 70 12.98 17.77 6.47
N ILE D 71 11.79 17.64 5.90
CA ILE D 71 10.61 17.43 6.72
C ILE D 71 10.73 16.14 7.51
N LEU D 72 11.05 15.01 6.85
CA LEU D 72 11.15 13.75 7.60
C LEU D 72 12.29 13.77 8.65
N HIS D 73 13.40 14.44 8.34
CA HIS D 73 14.44 14.67 9.36
C HIS D 73 13.87 15.40 10.58
N PHE D 74 13.10 16.45 10.35
CA PHE D 74 12.47 17.17 11.46
C PHE D 74 11.55 16.26 12.32
N VAL D 75 10.64 15.54 11.66
CA VAL D 75 9.72 14.66 12.40
C VAL D 75 10.49 13.60 13.21
N THR D 76 11.55 13.04 12.62
CA THR D 76 12.39 12.07 13.31
C THR D 76 13.06 12.71 14.51
N GLN D 77 13.61 13.91 14.33
CA GLN D 77 14.23 14.61 15.44
C GLN D 77 13.21 14.92 16.53
N CYS D 78 11.98 15.29 16.16
CA CYS D 78 10.99 15.60 17.19
C CYS D 78 10.66 14.36 18.00
N ASN D 79 10.53 13.22 17.34
CA ASN D 79 10.17 12.01 18.10
C ASN D 79 11.33 11.56 18.98
N THR D 80 12.56 11.75 18.55
CA THR D 80 13.72 11.42 19.39
C THR D 80 13.81 12.34 20.61
N ARG D 81 13.59 13.64 20.40
CA ARG D 81 13.55 14.57 21.53
C ARG D 81 12.45 14.16 22.51
N LEU D 82 11.28 13.79 22.00
CA LEU D 82 10.18 13.42 22.87
C LEU D 82 10.55 12.23 23.74
N THR D 83 11.17 11.21 23.16
CA THR D 83 11.55 10.06 23.98
C THR D 83 12.51 10.48 25.08
N ARG D 84 13.46 11.37 24.76
CA ARG D 84 14.40 11.84 25.77
C ARG D 84 13.68 12.61 26.86
N VAL D 85 12.70 13.40 26.48
CA VAL D 85 12.00 14.17 27.51
C VAL D 85 11.20 13.24 28.41
N LEU D 86 10.56 12.24 27.82
CA LEU D 86 9.73 11.35 28.63
C LEU D 86 10.59 10.54 29.59
N GLU D 87 11.77 10.11 29.14
CA GLU D 87 12.67 9.38 30.03
C GLU D 87 13.10 10.26 31.19
N GLU D 88 13.49 11.51 30.92
CA GLU D 88 13.96 12.39 31.98
C GLU D 88 12.84 12.66 32.98
N GLU D 89 11.61 12.79 32.49
CA GLU D 89 10.49 13.03 33.40
C GLU D 89 10.22 11.79 34.22
N GLN D 90 10.39 10.62 33.60
CA GLN D 90 10.16 9.37 34.33
C GLN D 90 11.21 9.14 35.40
N LYS D 91 12.48 9.42 35.09
CA LYS D 91 13.51 9.21 36.10
C LYS D 91 13.37 10.16 37.27
N LEU D 92 12.73 11.32 37.08
CA LEU D 92 12.46 12.20 38.21
C LEU D 92 11.34 11.64 39.08
N VAL D 93 10.29 11.12 38.47
CA VAL D 93 9.23 10.53 39.28
C VAL D 93 9.78 9.35 40.07
N GLN D 94 10.71 8.60 39.48
CA GLN D 94 11.33 7.50 40.20
C GLN D 94 12.21 7.97 41.34
N LEU D 95 12.71 9.20 41.27
CA LEU D 95 13.50 9.77 42.35
C LEU D 95 12.66 10.45 43.41
N GLY D 96 11.34 10.40 43.30
CA GLY D 96 10.47 11.14 44.20
C GLY D 96 10.53 12.65 44.03
N GLN D 97 11.23 13.14 43.01
CA GLN D 97 11.32 14.57 42.78
C GLN D 97 10.14 15.12 41.98
N ALA D 98 9.18 14.29 41.59
CA ALA D 98 7.98 14.73 40.88
C ALA D 98 6.91 13.68 41.12
N GLU D 99 5.66 14.13 41.18
CA GLU D 99 4.55 13.22 41.47
C GLU D 99 4.13 12.49 40.20
N LYS D 100 3.80 11.22 40.35
CA LYS D 100 3.21 10.51 39.23
C LYS D 100 1.88 11.17 38.89
N ARG D 101 1.65 11.31 37.60
CA ARG D 101 0.41 11.86 37.08
C ARG D 101 -0.51 10.73 36.64
N LYS D 102 -1.80 11.00 36.67
CA LYS D 102 -2.75 10.06 36.10
C LYS D 102 -2.58 9.99 34.59
N THR D 103 -3.09 8.91 34.00
CA THR D 103 -2.86 8.67 32.58
C THR D 103 -3.44 9.78 31.70
N ASP D 104 -4.63 10.27 32.01
CA ASP D 104 -5.19 11.36 31.22
C ASP D 104 -4.28 12.59 31.25
N GLN D 105 -3.78 12.94 32.42
CA GLN D 105 -2.90 14.11 32.52
C GLN D 105 -1.54 13.87 31.86
N PHE D 106 -0.99 12.67 32.05
CA PHE D 106 0.26 12.32 31.38
C PHE D 106 0.12 12.46 29.86
N LEU D 107 -0.98 11.98 29.29
CA LEU D 107 -1.10 11.97 27.83
C LEU D 107 -1.33 13.37 27.29
N ARG D 108 -2.10 14.18 28.02
CA ARG D 108 -2.25 15.56 27.63
C ARG D 108 -0.90 16.25 27.67
N ASP D 109 -0.08 16.00 28.68
CA ASP D 109 1.24 16.63 28.78
C ASP D 109 2.16 16.15 27.67
N ALA D 110 2.14 14.85 27.38
CA ALA D 110 2.97 14.32 26.31
C ALA D 110 2.60 14.93 24.97
N VAL D 111 1.33 15.02 24.69
CA VAL D 111 0.93 15.49 23.39
C VAL D 111 1.28 16.96 23.26
N GLU D 112 1.04 17.74 24.30
CA GLU D 112 1.44 19.14 24.27
C GLU D 112 2.94 19.31 24.14
N THR D 113 3.74 18.55 24.89
CA THR D 113 5.19 18.58 24.72
C THR D 113 5.57 18.34 23.26
N ARG D 114 4.97 17.37 22.61
CA ARG D 114 5.34 17.05 21.23
C ARG D 114 4.86 18.11 20.24
N LEU D 115 3.67 18.68 20.47
CA LEU D 115 3.13 19.65 19.54
C LEU D 115 3.80 21.01 19.71
N ARG D 116 4.27 21.33 20.92
CA ARG D 116 5.05 22.54 21.08
C ARG D 116 6.30 22.55 20.21
N MET D 117 6.87 21.40 19.91
CA MET D 117 8.04 21.35 19.04
C MET D 117 7.72 21.83 17.65
N LEU D 118 6.46 21.85 17.28
CA LEU D 118 6.05 22.30 15.96
C LEU D 118 5.89 23.83 15.86
N ILE D 119 5.89 24.52 17.00
CA ILE D 119 5.43 25.91 17.00
C ILE D 119 6.26 26.74 16.03
N PRO D 120 7.58 26.63 16.01
CA PRO D 120 8.34 27.48 15.10
C PRO D 120 8.00 27.27 13.65
N TYR D 121 7.46 26.11 13.29
CA TYR D 121 7.21 25.73 11.92
C TYR D 121 5.76 25.75 11.55
N ILE D 122 4.87 26.26 12.41
CA ILE D 122 3.44 25.99 12.26
C ILE D 122 2.91 26.68 11.00
N GLU D 123 3.52 27.80 10.62
CA GLU D 123 3.07 28.45 9.39
C GLU D 123 3.43 27.68 8.13
N HIS D 124 4.34 26.71 8.17
CA HIS D 124 4.70 25.89 7.02
C HIS D 124 4.23 24.46 7.15
N TRP D 125 3.39 24.23 8.14
CA TRP D 125 3.04 22.86 8.50
C TRP D 125 1.98 22.34 7.53
N PRO D 126 1.01 23.15 7.07
CA PRO D 126 0.13 22.63 6.03
C PRO D 126 0.94 22.15 4.85
N ARG D 127 1.96 22.92 4.42
CA ARG D 127 2.82 22.47 3.33
C ARG D 127 3.47 21.13 3.69
N ALA D 128 4.06 21.04 4.89
CA ALA D 128 4.75 19.82 5.26
C ALA D 128 3.78 18.65 5.21
N LEU D 129 2.55 18.85 5.67
CA LEU D 129 1.64 17.71 5.70
C LEU D 129 1.27 17.28 4.30
N SER D 130 1.12 18.22 3.40
CA SER D 130 0.80 17.89 2.02
C SER D 130 1.89 17.05 1.41
N ILE D 131 3.13 17.26 1.81
CA ILE D 131 4.23 16.44 1.32
C ILE D 131 4.31 15.12 2.07
N LEU D 132 4.08 15.09 3.37
CA LEU D 132 4.10 13.83 4.12
C LEU D 132 3.00 12.88 3.67
N MET D 133 1.89 13.40 3.11
N MET D 133 1.91 13.38 3.08
CA MET D 133 0.78 12.56 2.66
CA MET D 133 0.82 12.51 2.67
C MET D 133 0.97 12.03 1.25
C MET D 133 0.95 12.04 1.24
N LEU D 134 1.99 12.47 0.53
CA LEU D 134 2.17 12.01 -0.83
C LEU D 134 2.34 10.48 -0.78
N PRO D 135 1.92 9.74 -1.78
CA PRO D 135 1.79 8.28 -1.54
C PRO D 135 3.15 7.63 -1.41
N HIS D 136 4.22 8.18 -2.00
CA HIS D 136 5.53 7.61 -1.75
C HIS D 136 6.08 7.95 -0.39
N ASN D 137 5.49 8.88 0.35
CA ASN D 137 5.91 9.18 1.72
C ASN D 137 5.00 8.60 2.79
N ILE D 138 3.74 8.27 2.47
CA ILE D 138 2.78 8.10 3.55
C ILE D 138 3.22 6.86 4.34
N PRO D 139 3.82 5.83 3.76
CA PRO D 139 4.27 4.72 4.68
C PRO D 139 5.28 5.16 5.72
N SER D 140 6.27 5.97 5.35
CA SER D 140 7.23 6.50 6.32
C SER D 140 6.53 7.38 7.36
N SER D 141 5.63 8.26 6.92
CA SER D 141 4.96 9.15 7.84
C SER D 141 4.13 8.37 8.83
N LEU D 142 3.46 7.30 8.38
CA LEU D 142 2.68 6.48 9.31
C LEU D 142 3.58 5.71 10.29
N SER D 143 4.72 5.14 9.84
CA SER D 143 5.64 4.53 10.81
C SER D 143 6.11 5.53 11.86
N LEU D 144 6.40 6.75 11.47
CA LEU D 144 6.81 7.75 12.47
C LEU D 144 5.69 8.03 13.46
N LEU D 145 4.48 8.24 12.97
CA LEU D 145 3.34 8.49 13.86
C LEU D 145 3.09 7.32 14.82
N THR D 146 3.03 6.10 14.28
CA THR D 146 2.75 4.95 15.13
C THR D 146 3.85 4.73 16.16
N SER D 147 5.11 4.92 15.77
CA SER D 147 6.20 4.84 16.76
C SER D 147 6.11 5.94 17.84
N MET D 148 5.71 7.15 17.45
CA MET D 148 5.52 8.22 18.44
C MET D 148 4.46 7.85 19.47
N VAL D 149 3.30 7.37 19.00
CA VAL D 149 2.25 7.10 19.98
C VAL D 149 2.61 5.87 20.79
N ASP D 150 3.33 4.93 20.19
CA ASP D 150 3.81 3.76 20.95
C ASP D 150 4.72 4.20 22.09
N ASP D 151 5.55 5.21 21.84
CA ASP D 151 6.39 5.74 22.90
C ASP D 151 5.59 6.44 23.98
N MET D 152 4.61 7.27 23.60
CA MET D 152 3.81 7.93 24.61
C MET D 152 3.17 6.91 25.51
N TRP D 153 2.61 5.86 24.93
CA TRP D 153 1.94 4.87 25.77
C TRP D 153 2.93 4.06 26.61
N HIS D 154 4.14 3.85 26.10
CA HIS D 154 5.13 3.10 26.85
C HIS D 154 5.50 3.81 28.13
N TYR D 155 5.71 5.11 28.09
CA TYR D 155 6.04 5.85 29.29
C TYR D 155 4.83 6.20 30.14
N ALA D 156 3.62 6.15 29.57
CA ALA D 156 2.43 6.25 30.40
C ALA D 156 2.14 4.98 31.19
N GLY D 157 2.82 3.87 30.86
CA GLY D 157 2.67 2.60 31.55
C GLY D 157 2.18 1.47 30.66
N ASP D 158 1.52 1.80 29.55
CA ASP D 158 0.97 0.83 28.60
C ASP D 158 -0.04 -0.07 29.28
N GLN D 159 -0.85 0.54 30.15
CA GLN D 159 -1.85 -0.16 30.94
C GLN D 159 -3.19 0.53 30.72
N SER D 160 -4.22 -0.28 30.51
CA SER D 160 -5.57 0.24 30.36
C SER D 160 -6.55 -0.91 30.49
N THR D 161 -7.72 -0.62 31.04
CA THR D 161 -8.81 -1.58 31.11
C THR D 161 -9.93 -1.26 30.12
N ASP D 162 -9.80 -0.17 29.34
CA ASP D 162 -10.84 0.25 28.43
C ASP D 162 -10.45 0.12 26.96
N PHE D 163 -9.16 -0.10 26.67
CA PHE D 163 -8.64 -0.19 25.33
C PHE D 163 -7.62 -1.31 25.29
N ASN D 164 -7.52 -1.99 24.16
CA ASN D 164 -6.48 -3.01 24.09
C ASN D 164 -5.23 -2.36 23.51
N TRP D 165 -4.16 -3.16 23.37
CA TRP D 165 -2.89 -2.65 22.87
C TRP D 165 -3.07 -1.80 21.61
N TYR D 166 -3.86 -2.29 20.65
CA TYR D 166 -4.00 -1.61 19.36
C TYR D 166 -4.90 -0.39 19.46
N THR D 167 -6.08 -0.52 20.11
CA THR D 167 -7.06 0.56 20.06
C THR D 167 -6.65 1.79 20.90
N ARG D 168 -5.90 1.61 21.97
CA ARG D 168 -5.48 2.81 22.69
C ARG D 168 -4.49 3.61 21.87
N ARG D 169 -3.69 2.94 21.05
CA ARG D 169 -2.82 3.65 20.11
C ARG D 169 -3.61 4.32 19.01
N ALA D 170 -4.68 3.69 18.53
CA ALA D 170 -5.49 4.34 17.51
C ALA D 170 -6.21 5.57 18.08
N MET D 171 -6.63 5.48 19.32
CA MET D 171 -7.33 6.60 19.95
C MET D 171 -6.40 7.77 20.19
N LEU D 172 -5.22 7.51 20.71
CA LEU D 172 -4.25 8.59 20.92
C LEU D 172 -3.83 9.21 19.59
N ALA D 173 -3.64 8.41 18.56
CA ALA D 173 -3.26 8.99 17.27
C ALA D 173 -4.32 9.94 16.76
N ALA D 174 -5.58 9.59 16.93
CA ALA D 174 -6.65 10.43 16.44
C ALA D 174 -6.69 11.74 17.20
N ILE D 175 -6.45 11.65 18.48
CA ILE D 175 -6.41 12.83 19.34
C ILE D 175 -5.25 13.74 18.92
N TYR D 176 -4.06 13.17 18.75
CA TYR D 176 -2.91 13.95 18.30
C TYR D 176 -3.20 14.64 16.97
N ASN D 177 -3.66 13.90 15.98
CA ASN D 177 -3.87 14.48 14.65
C ASN D 177 -4.91 15.57 14.63
N THR D 178 -6.04 15.40 15.31
CA THR D 178 -7.05 16.45 15.31
C THR D 178 -6.60 17.68 16.11
N THR D 179 -5.86 17.47 17.18
CA THR D 179 -5.32 18.61 17.89
C THR D 179 -4.34 19.38 17.02
N GLU D 180 -3.48 18.68 16.29
CA GLU D 180 -2.56 19.34 15.34
C GLU D 180 -3.34 20.19 14.32
N LEU D 181 -4.41 19.66 13.76
CA LEU D 181 -5.24 20.41 12.82
C LEU D 181 -5.81 21.67 13.45
N VAL D 182 -6.28 21.60 14.71
CA VAL D 182 -6.76 22.80 15.38
C VAL D 182 -5.61 23.78 15.58
N MET D 183 -4.44 23.25 15.89
CA MET D 183 -3.32 24.12 16.24
C MET D 183 -2.88 24.96 15.06
N MET D 184 -2.91 24.40 13.85
CA MET D 184 -2.49 25.08 12.67
C MET D 184 -3.27 26.34 12.42
N GLN D 185 -4.50 26.45 12.88
CA GLN D 185 -5.31 27.65 12.70
C GLN D 185 -5.55 28.41 14.00
N ASP D 186 -4.86 28.07 15.07
CA ASP D 186 -5.12 28.64 16.38
C ASP D 186 -4.36 29.95 16.53
N SER D 187 -5.05 31.06 16.77
CA SER D 187 -4.37 32.32 17.00
C SER D 187 -4.56 32.83 18.44
N SER D 188 -4.96 31.98 19.37
CA SER D 188 -5.10 32.39 20.76
C SER D 188 -3.73 32.43 21.42
N PRO D 189 -3.62 33.16 22.55
CA PRO D 189 -2.31 33.37 23.21
C PRO D 189 -1.63 32.09 23.70
N ASP D 190 -0.45 31.83 23.18
CA ASP D 190 0.31 30.63 23.49
C ASP D 190 -0.55 29.37 23.30
N PHE D 191 -1.42 29.42 22.30
CA PHE D 191 -2.13 28.23 21.84
C PHE D 191 -3.03 27.67 22.94
N GLU D 192 -3.56 28.57 23.78
CA GLU D 192 -4.58 28.28 24.79
C GLU D 192 -5.70 27.40 24.25
N ASP D 193 -6.24 27.74 23.09
CA ASP D 193 -7.40 27.03 22.55
C ASP D 193 -7.07 25.60 22.22
N THR D 194 -5.86 25.39 21.67
CA THR D 194 -5.44 24.06 21.29
C THR D 194 -5.37 23.15 22.51
N TRP D 195 -4.77 23.66 23.60
CA TRP D 195 -4.56 22.83 24.78
C TRP D 195 -5.89 22.47 25.43
N ARG D 196 -6.88 23.39 25.38
CA ARG D 196 -8.23 23.09 25.86
C ARG D 196 -8.96 22.10 24.94
N PHE D 197 -8.84 22.27 23.62
CA PHE D 197 -9.37 21.28 22.69
C PHE D 197 -8.79 19.91 23.04
N LEU D 198 -7.48 19.83 23.27
CA LEU D 198 -6.83 18.56 23.58
C LEU D 198 -7.35 18.01 24.91
N GLU D 199 -7.57 18.87 25.89
CA GLU D 199 -8.10 18.43 27.19
C GLU D 199 -9.49 17.82 27.04
N ASN D 200 -10.34 18.48 26.26
CA ASN D 200 -11.69 17.96 26.02
C ASN D 200 -11.63 16.61 25.33
N ARG D 201 -10.72 16.44 24.38
CA ARG D 201 -10.72 15.19 23.61
C ARG D 201 -10.19 14.05 24.47
N VAL D 202 -9.19 14.31 25.30
CA VAL D 202 -8.64 13.28 26.17
C VAL D 202 -9.66 12.86 27.18
N ASN D 203 -10.36 13.83 27.77
CA ASN D 203 -11.37 13.49 28.76
C ASN D 203 -12.52 12.71 28.11
N ASP D 204 -12.93 13.09 26.90
CA ASP D 204 -14.01 12.37 26.21
C ASP D 204 -13.61 10.93 25.98
N ALA D 205 -12.36 10.69 25.60
CA ALA D 205 -11.89 9.35 25.28
C ALA D 205 -11.59 8.48 26.51
N MET D 206 -10.97 9.05 27.55
CA MET D 206 -10.41 8.24 28.62
C MET D 206 -11.48 7.85 29.64
N ASN D 207 -12.25 8.82 30.11
CA ASN D 207 -13.20 8.57 31.20
C ASN D 207 -14.55 9.19 30.90
N MET D 208 -15.01 9.07 29.65
CA MET D 208 -16.39 9.44 29.30
C MET D 208 -16.89 8.58 28.12
N GLU E 22 -1.22 -8.08 33.15
CA GLU E 22 -2.66 -7.82 33.10
C GLU E 22 -3.29 -8.32 31.77
N GLN E 23 -3.02 -9.60 31.48
CA GLN E 23 -3.66 -10.34 30.41
C GLN E 23 -5.00 -10.91 30.84
N LEU E 24 -5.54 -10.45 31.98
CA LEU E 24 -6.84 -10.91 32.42
C LEU E 24 -7.98 -10.41 31.53
N GLN E 25 -7.86 -9.18 31.03
CA GLN E 25 -8.88 -8.67 30.13
C GLN E 25 -8.93 -9.51 28.88
N HIS E 26 -7.77 -9.79 28.32
CA HIS E 26 -7.72 -10.65 27.15
C HIS E 26 -8.43 -11.96 27.44
N ARG E 27 -8.19 -12.54 28.62
CA ARG E 27 -8.80 -13.84 28.94
C ARG E 27 -10.32 -13.73 29.04
N ILE E 28 -10.82 -12.77 29.79
CA ILE E 28 -12.26 -12.65 29.92
C ILE E 28 -12.88 -12.47 28.52
N LEU E 29 -12.32 -11.53 27.73
CA LEU E 29 -12.92 -11.18 26.45
C LEU E 29 -12.82 -12.36 25.48
N THR E 30 -11.71 -13.09 25.48
CA THR E 30 -11.67 -14.28 24.62
C THR E 30 -12.72 -15.31 25.05
N ALA E 31 -12.85 -15.52 26.35
CA ALA E 31 -13.84 -16.47 26.85
C ALA E 31 -15.27 -16.00 26.57
N ALA E 32 -15.52 -14.69 26.64
CA ALA E 32 -16.85 -14.15 26.37
C ALA E 32 -17.33 -14.46 24.93
N LEU E 33 -16.42 -14.64 23.99
CA LEU E 33 -16.86 -14.88 22.60
C LEU E 33 -17.70 -16.16 22.47
N GLU E 34 -17.38 -17.19 23.25
CA GLU E 34 -18.20 -18.40 23.30
C GLU E 34 -19.64 -18.11 23.64
N PHE E 35 -19.89 -16.94 24.26
CA PHE E 35 -21.24 -16.66 24.72
C PHE E 35 -21.95 -15.62 23.92
N VAL E 36 -21.33 -15.17 22.85
CA VAL E 36 -21.97 -14.22 21.94
C VAL E 36 -23.13 -14.86 21.20
N PRO E 37 -22.99 -16.06 20.67
CA PRO E 37 -24.18 -16.67 20.06
C PRO E 37 -25.44 -16.59 20.94
N ALA E 38 -25.34 -16.98 22.20
CA ALA E 38 -26.48 -16.96 23.12
C ALA E 38 -26.89 -15.55 23.56
N HIS E 39 -25.94 -14.64 23.78
CA HIS E 39 -26.24 -13.36 24.46
C HIS E 39 -25.90 -12.08 23.67
N GLY E 40 -25.36 -12.18 22.50
CA GLY E 40 -24.98 -10.96 21.78
C GLY E 40 -23.70 -10.32 22.33
N TRP E 41 -23.43 -9.12 21.82
CA TRP E 41 -22.24 -8.30 22.17
C TRP E 41 -22.61 -7.45 23.36
N THR E 42 -22.59 -8.06 24.51
CA THR E 42 -23.28 -7.49 25.65
C THR E 42 -22.47 -7.78 26.90
N ALA E 43 -22.81 -7.06 27.96
CA ALA E 43 -22.26 -7.33 29.27
C ALA E 43 -22.55 -8.75 29.70
N GLU E 44 -23.75 -9.28 29.41
CA GLU E 44 -24.07 -10.66 29.80
C GLU E 44 -23.09 -11.67 29.23
N ALA E 45 -22.75 -11.52 27.93
CA ALA E 45 -21.71 -12.38 27.36
C ALA E 45 -20.39 -12.26 28.12
N ILE E 46 -19.98 -11.03 28.44
CA ILE E 46 -18.74 -10.88 29.21
C ILE E 46 -18.91 -11.50 30.60
N ALA E 47 -20.04 -11.26 31.26
CA ALA E 47 -20.22 -11.86 32.59
C ALA E 47 -20.12 -13.38 32.51
N GLU E 48 -20.70 -13.95 31.46
CA GLU E 48 -20.68 -15.41 31.32
C GLU E 48 -19.27 -15.87 30.99
N GLY E 49 -18.52 -15.07 30.23
CA GLY E 49 -17.14 -15.42 30.02
C GLY E 49 -16.34 -15.38 31.30
N ALA E 50 -16.58 -14.37 32.13
CA ALA E 50 -15.86 -14.31 33.39
C ALA E 50 -16.16 -15.58 34.19
N GLN E 51 -17.43 -15.89 34.38
CA GLN E 51 -17.83 -17.06 35.17
C GLN E 51 -17.32 -18.36 34.57
N SER E 52 -17.12 -18.44 33.27
CA SER E 52 -16.63 -19.66 32.65
C SER E 52 -15.16 -19.88 32.98
N LEU E 53 -14.48 -18.85 33.40
CA LEU E 53 -13.12 -18.96 33.88
C LEU E 53 -13.08 -19.19 35.39
N GLY E 54 -14.25 -19.29 36.04
CA GLY E 54 -14.32 -19.50 37.48
C GLY E 54 -14.50 -18.24 38.30
N LEU E 55 -14.70 -17.06 37.67
CA LEU E 55 -14.88 -15.82 38.40
C LEU E 55 -16.35 -15.49 38.59
N SER E 56 -16.61 -14.40 39.30
CA SER E 56 -17.97 -13.91 39.40
C SER E 56 -18.19 -12.87 38.30
N SER E 57 -19.47 -12.57 38.03
CA SER E 57 -19.82 -11.59 37.01
C SER E 57 -19.31 -10.19 37.34
N ALA E 58 -18.77 -9.98 38.55
CA ALA E 58 -18.25 -8.68 38.94
C ALA E 58 -17.11 -8.22 38.02
N ALA E 59 -16.22 -9.14 37.62
CA ALA E 59 -15.17 -8.76 36.69
C ALA E 59 -15.71 -8.05 35.45
N ALA E 60 -16.92 -8.36 35.01
CA ALA E 60 -17.50 -7.74 33.83
C ALA E 60 -17.70 -6.23 33.97
N SER E 61 -17.78 -5.73 35.21
CA SER E 61 -17.93 -4.29 35.40
C SER E 61 -16.65 -3.53 35.09
N MET E 62 -15.53 -4.22 34.84
CA MET E 62 -14.36 -3.52 34.33
C MET E 62 -14.62 -2.91 32.95
N PHE E 63 -15.61 -3.42 32.21
CA PHE E 63 -15.91 -2.98 30.87
C PHE E 63 -17.22 -2.19 30.88
N GLY E 64 -17.46 -1.44 29.82
CA GLY E 64 -18.71 -0.73 29.67
C GLY E 64 -19.85 -1.70 29.35
N LYS E 65 -21.04 -1.15 29.28
CA LYS E 65 -22.23 -1.98 29.12
C LYS E 65 -22.59 -2.21 27.66
N ASP E 66 -21.94 -1.52 26.71
CA ASP E 66 -22.46 -1.52 25.36
C ASP E 66 -21.74 -2.49 24.43
N GLY E 67 -20.76 -3.25 24.95
CA GLY E 67 -20.10 -4.27 24.18
C GLY E 67 -18.93 -3.84 23.33
N SER E 68 -18.60 -2.56 23.34
CA SER E 68 -17.51 -2.07 22.50
C SER E 68 -16.23 -2.88 22.64
N GLU E 69 -15.77 -3.09 23.88
CA GLU E 69 -14.46 -3.71 24.11
C GLU E 69 -14.44 -5.12 23.61
N LEU E 70 -15.55 -5.83 23.78
CA LEU E 70 -15.65 -7.18 23.24
C LEU E 70 -15.60 -7.18 21.72
N ILE E 71 -16.39 -6.35 21.05
CA ILE E 71 -16.36 -6.33 19.58
C ILE E 71 -14.95 -5.95 19.09
N LEU E 72 -14.38 -4.91 19.67
CA LEU E 72 -13.06 -4.49 19.20
C LEU E 72 -11.99 -5.58 19.45
N HIS E 73 -12.09 -6.30 20.57
CA HIS E 73 -11.17 -7.42 20.80
C HIS E 73 -11.32 -8.45 19.69
N PHE E 74 -12.55 -8.76 19.32
CA PHE E 74 -12.75 -9.78 18.29
C PHE E 74 -12.15 -9.33 16.96
N VAL E 75 -12.43 -8.10 16.56
CA VAL E 75 -11.93 -7.61 15.28
C VAL E 75 -10.42 -7.64 15.28
N THR E 76 -9.78 -7.24 16.39
CA THR E 76 -8.32 -7.28 16.55
C THR E 76 -7.83 -8.70 16.43
N GLN E 77 -8.51 -9.62 17.09
CA GLN E 77 -8.09 -11.02 17.02
C GLN E 77 -8.25 -11.55 15.60
N CYS E 78 -9.32 -11.16 14.90
CA CYS E 78 -9.52 -11.60 13.52
C CYS E 78 -8.41 -11.09 12.59
N ASN E 79 -7.99 -9.84 12.75
CA ASN E 79 -6.92 -9.34 11.91
C ASN E 79 -5.57 -10.01 12.21
N THR E 80 -5.26 -10.30 13.47
CA THR E 80 -4.07 -11.08 13.82
C THR E 80 -4.08 -12.49 13.23
N ARG E 81 -5.20 -13.18 13.33
CA ARG E 81 -5.33 -14.50 12.71
C ARG E 81 -5.17 -14.45 11.19
N LEU E 82 -5.70 -13.40 10.54
CA LEU E 82 -5.55 -13.31 9.10
C LEU E 82 -4.10 -13.16 8.71
N THR E 83 -3.38 -12.32 9.42
CA THR E 83 -1.95 -12.17 9.13
C THR E 83 -1.19 -13.49 9.24
N ARG E 84 -1.53 -14.31 10.24
CA ARG E 84 -0.83 -15.59 10.38
C ARG E 84 -1.16 -16.51 9.21
N VAL E 85 -2.40 -16.53 8.77
CA VAL E 85 -2.79 -17.34 7.62
C VAL E 85 -2.09 -16.88 6.35
N LEU E 86 -2.04 -15.56 6.14
CA LEU E 86 -1.39 -15.07 4.93
C LEU E 86 0.14 -15.33 4.96
N GLU E 87 0.73 -15.24 6.12
CA GLU E 87 2.15 -15.59 6.22
C GLU E 87 2.42 -17.07 5.90
N GLU E 88 1.57 -17.99 6.38
CA GLU E 88 1.78 -19.39 6.09
C GLU E 88 1.69 -19.67 4.59
N GLU E 89 0.77 -19.03 3.91
CA GLU E 89 0.56 -19.28 2.49
C GLU E 89 1.71 -18.73 1.67
N GLN E 90 2.22 -17.55 2.08
CA GLN E 90 3.39 -16.99 1.43
C GLN E 90 4.63 -17.89 1.60
N LYS E 91 4.78 -18.54 2.76
CA LYS E 91 5.91 -19.43 2.93
C LYS E 91 5.86 -20.57 1.91
N LEU E 92 4.69 -21.13 1.67
CA LEU E 92 4.60 -22.21 0.69
C LEU E 92 5.00 -21.74 -0.71
N VAL E 93 4.55 -20.53 -1.12
CA VAL E 93 4.97 -20.01 -2.42
C VAL E 93 6.49 -19.90 -2.47
N GLN E 94 7.09 -19.32 -1.43
CA GLN E 94 8.53 -19.12 -1.39
C GLN E 94 9.31 -20.43 -1.36
N LEU E 95 8.75 -21.48 -0.82
CA LEU E 95 9.41 -22.76 -0.94
C LEU E 95 9.18 -23.48 -2.25
N GLY E 96 8.41 -22.92 -3.19
CA GLY E 96 8.13 -23.67 -4.40
C GLY E 96 7.13 -24.82 -4.24
N GLN E 97 6.32 -24.77 -3.21
CA GLN E 97 5.31 -25.78 -2.95
C GLN E 97 3.91 -25.35 -3.34
N ALA E 98 3.72 -24.13 -3.83
CA ALA E 98 2.43 -23.68 -4.32
C ALA E 98 2.69 -22.65 -5.42
N GLU E 99 1.78 -22.54 -6.39
CA GLU E 99 1.81 -21.47 -7.37
C GLU E 99 1.53 -20.16 -6.71
N LYS E 100 2.16 -19.11 -7.20
CA LYS E 100 1.74 -17.77 -6.85
C LYS E 100 0.42 -17.40 -7.51
N ARG E 101 -0.48 -16.78 -6.78
CA ARG E 101 -1.78 -16.46 -7.31
C ARG E 101 -1.77 -15.06 -7.83
N LYS E 102 -2.53 -14.84 -8.91
CA LYS E 102 -2.82 -13.48 -9.37
C LYS E 102 -3.60 -12.68 -8.33
N THR E 103 -3.54 -11.35 -8.45
CA THR E 103 -4.06 -10.46 -7.43
C THR E 103 -5.54 -10.68 -7.25
N ASP E 104 -6.26 -10.87 -8.33
CA ASP E 104 -7.71 -11.12 -8.16
C ASP E 104 -7.97 -12.35 -7.31
N GLN E 105 -7.36 -13.48 -7.66
CA GLN E 105 -7.57 -14.70 -6.87
C GLN E 105 -7.08 -14.54 -5.42
N PHE E 106 -5.93 -13.91 -5.25
CA PHE E 106 -5.41 -13.68 -3.91
C PHE E 106 -6.40 -12.88 -3.05
N LEU E 107 -6.88 -11.74 -3.58
CA LEU E 107 -7.81 -10.91 -2.78
C LEU E 107 -9.12 -11.62 -2.51
N ARG E 108 -9.66 -12.37 -3.47
CA ARG E 108 -10.85 -13.16 -3.17
C ARG E 108 -10.60 -14.08 -2.02
N ASP E 109 -9.49 -14.80 -2.06
CA ASP E 109 -9.18 -15.76 -1.01
C ASP E 109 -8.98 -15.09 0.32
N ALA E 110 -8.25 -13.98 0.34
CA ALA E 110 -8.01 -13.28 1.60
C ALA E 110 -9.29 -12.77 2.26
N VAL E 111 -10.14 -12.07 1.49
CA VAL E 111 -11.35 -11.52 2.02
C VAL E 111 -12.26 -12.66 2.47
N GLU E 112 -12.33 -13.78 1.73
CA GLU E 112 -13.19 -14.87 2.17
C GLU E 112 -12.65 -15.46 3.47
N THR E 113 -11.32 -15.57 3.60
CA THR E 113 -10.74 -16.07 4.84
C THR E 113 -11.13 -15.20 6.00
N ARG E 114 -11.02 -13.88 5.82
CA ARG E 114 -11.31 -12.95 6.91
C ARG E 114 -12.82 -12.90 7.25
N LEU E 115 -13.69 -12.94 6.25
CA LEU E 115 -15.13 -12.89 6.50
C LEU E 115 -15.66 -14.20 7.07
N ARG E 116 -15.03 -15.33 6.74
CA ARG E 116 -15.41 -16.60 7.34
C ARG E 116 -15.31 -16.57 8.86
N MET E 117 -14.41 -15.78 9.38
CA MET E 117 -14.26 -15.68 10.83
C MET E 117 -15.48 -15.07 11.48
N LEU E 118 -16.37 -14.40 10.73
CA LEU E 118 -17.63 -13.89 11.27
C LEU E 118 -18.73 -14.92 11.40
N ILE E 119 -18.62 -16.05 10.73
CA ILE E 119 -19.74 -16.97 10.63
C ILE E 119 -20.30 -17.41 11.98
N PRO E 120 -19.53 -17.77 12.98
CA PRO E 120 -20.16 -18.12 14.29
C PRO E 120 -20.95 -16.98 14.95
N TYR E 121 -20.82 -15.75 14.51
CA TYR E 121 -21.45 -14.60 15.13
C TYR E 121 -22.29 -13.77 14.19
N ILE E 122 -22.55 -14.27 12.98
CA ILE E 122 -23.07 -13.44 11.93
C ILE E 122 -24.47 -12.92 12.27
N GLU E 123 -25.30 -13.70 12.95
CA GLU E 123 -26.62 -13.24 13.35
C GLU E 123 -26.54 -11.98 14.17
N HIS E 124 -25.46 -11.73 14.88
CA HIS E 124 -25.31 -10.55 15.70
C HIS E 124 -24.45 -9.49 15.04
N TRP E 125 -24.16 -9.65 13.82
CA TRP E 125 -23.16 -8.73 13.25
C TRP E 125 -23.74 -7.39 12.89
N PRO E 126 -25.01 -7.26 12.51
CA PRO E 126 -25.54 -5.89 12.26
C PRO E 126 -25.47 -5.03 13.51
N ARG E 127 -25.80 -5.64 14.65
CA ARG E 127 -25.71 -4.95 15.93
C ARG E 127 -24.25 -4.61 16.22
N ALA E 128 -23.31 -5.55 15.99
CA ALA E 128 -21.89 -5.22 16.18
C ALA E 128 -21.49 -4.01 15.35
N LEU E 129 -21.83 -4.01 14.07
CA LEU E 129 -21.49 -2.88 13.21
C LEU E 129 -22.05 -1.57 13.69
N SER E 130 -23.30 -1.53 14.12
CA SER E 130 -23.85 -0.31 14.67
C SER E 130 -23.11 0.17 15.91
N ILE E 131 -22.58 -0.76 16.71
CA ILE E 131 -21.79 -0.33 17.85
C ILE E 131 -20.42 0.20 17.42
N LEU E 132 -19.74 -0.47 16.49
CA LEU E 132 -18.47 0.05 15.98
C LEU E 132 -18.57 1.43 15.32
N MET E 133 -19.75 1.83 14.88
CA MET E 133 -19.94 3.14 14.26
C MET E 133 -20.31 4.24 15.25
N LEU E 134 -20.42 3.94 16.51
CA LEU E 134 -20.64 4.97 17.52
C LEU E 134 -19.44 5.90 17.55
N PRO E 135 -19.67 7.18 17.78
CA PRO E 135 -18.56 8.14 17.66
C PRO E 135 -17.33 7.76 18.48
N HIS E 136 -17.48 7.32 19.74
CA HIS E 136 -16.28 6.98 20.49
C HIS E 136 -15.56 5.75 19.99
N ASN E 137 -16.14 4.95 19.11
CA ASN E 137 -15.48 3.80 18.56
C ASN E 137 -14.88 4.03 17.19
N ILE E 138 -15.28 5.08 16.52
CA ILE E 138 -14.93 5.25 15.11
C ILE E 138 -13.42 5.25 14.87
N PRO E 139 -12.60 6.01 15.65
CA PRO E 139 -11.15 5.96 15.40
C PRO E 139 -10.59 4.55 15.47
N SER E 140 -10.95 3.79 16.50
CA SER E 140 -10.53 2.41 16.57
C SER E 140 -11.03 1.63 15.36
N SER E 141 -12.32 1.75 15.01
CA SER E 141 -12.89 0.93 13.94
C SER E 141 -12.26 1.23 12.60
N LEU E 142 -12.09 2.50 12.30
CA LEU E 142 -11.44 2.87 11.05
C LEU E 142 -9.98 2.46 11.00
N SER E 143 -9.26 2.59 12.11
CA SER E 143 -7.88 2.19 12.11
C SER E 143 -7.74 0.68 11.94
N LEU E 144 -8.58 -0.12 12.58
CA LEU E 144 -8.52 -1.56 12.35
C LEU E 144 -8.79 -1.92 10.89
N LEU E 145 -9.84 -1.34 10.27
CA LEU E 145 -10.10 -1.61 8.85
C LEU E 145 -8.91 -1.23 7.98
N THR E 146 -8.33 -0.08 8.23
CA THR E 146 -7.18 0.39 7.45
C THR E 146 -5.96 -0.51 7.58
N SER E 147 -5.61 -0.90 8.82
CA SER E 147 -4.50 -1.83 8.99
C SER E 147 -4.75 -3.19 8.34
N MET E 148 -6.01 -3.65 8.41
CA MET E 148 -6.36 -4.89 7.73
C MET E 148 -6.11 -4.81 6.23
N VAL E 149 -6.62 -3.79 5.55
CA VAL E 149 -6.43 -3.77 4.11
C VAL E 149 -4.96 -3.55 3.78
N ASP E 150 -4.26 -2.72 4.56
CA ASP E 150 -2.81 -2.55 4.35
C ASP E 150 -2.08 -3.90 4.44
N ASP E 151 -2.45 -4.72 5.41
CA ASP E 151 -1.85 -6.05 5.59
C ASP E 151 -2.17 -6.95 4.41
N MET E 152 -3.41 -6.91 3.92
CA MET E 152 -3.73 -7.69 2.74
C MET E 152 -2.85 -7.29 1.57
N TRP E 153 -2.66 -6.03 1.33
CA TRP E 153 -1.84 -5.62 0.21
C TRP E 153 -0.36 -5.95 0.44
N HIS E 154 0.10 -5.98 1.69
CA HIS E 154 1.46 -6.40 1.98
C HIS E 154 1.72 -7.82 1.47
N TYR E 155 0.79 -8.75 1.67
CA TYR E 155 0.98 -10.10 1.14
C TYR E 155 0.60 -10.25 -0.33
N ALA E 156 -0.29 -9.46 -0.86
CA ALA E 156 -0.71 -9.63 -2.25
C ALA E 156 0.38 -9.19 -3.22
N GLY E 157 0.98 -8.05 -2.96
CA GLY E 157 1.80 -7.39 -3.95
C GLY E 157 3.19 -7.22 -3.42
N ASP E 158 4.03 -6.62 -4.25
CA ASP E 158 5.39 -6.31 -3.83
C ASP E 158 5.36 -5.15 -2.83
N GLN E 159 6.34 -5.19 -1.94
CA GLN E 159 6.37 -4.27 -0.81
C GLN E 159 7.31 -3.14 -1.18
N SER E 160 6.78 -2.20 -1.96
CA SER E 160 7.59 -1.15 -2.55
C SER E 160 6.78 0.13 -2.59
N THR E 161 7.48 1.24 -2.83
CA THR E 161 6.85 2.52 -3.07
C THR E 161 5.72 2.36 -4.08
N ASP E 162 4.61 3.01 -3.80
CA ASP E 162 3.44 2.80 -4.63
C ASP E 162 2.67 4.10 -4.79
N PHE E 163 2.65 4.66 -5.99
CA PHE E 163 1.89 5.88 -6.21
C PHE E 163 0.40 5.61 -6.12
N ASN E 164 -0.03 4.34 -6.19
CA ASN E 164 -1.43 3.92 -6.04
C ASN E 164 -1.79 3.50 -4.62
N TRP E 165 -1.02 3.96 -3.66
CA TRP E 165 -1.20 3.54 -2.27
C TRP E 165 -2.61 3.77 -1.78
N TYR E 166 -3.17 4.93 -2.07
CA TYR E 166 -4.51 5.22 -1.58
C TYR E 166 -5.55 4.52 -2.38
N THR E 167 -5.39 4.54 -3.68
CA THR E 167 -6.36 3.90 -4.55
C THR E 167 -6.58 2.43 -4.21
N ARG E 168 -5.48 1.71 -3.98
CA ARG E 168 -5.56 0.28 -3.75
C ARG E 168 -6.26 0.00 -2.44
N ARG E 169 -6.01 0.84 -1.46
CA ARG E 169 -6.55 0.58 -0.10
C ARG E 169 -8.00 1.03 0.02
N ALA E 170 -8.36 2.10 -0.70
CA ALA E 170 -9.74 2.54 -0.81
C ALA E 170 -10.58 1.49 -1.49
N MET E 171 -10.08 0.98 -2.62
N MET E 171 -10.09 1.00 -2.63
CA MET E 171 -10.75 -0.05 -3.39
CA MET E 171 -10.74 -0.06 -3.38
C MET E 171 -10.99 -1.30 -2.57
C MET E 171 -11.01 -1.26 -2.50
N LEU E 172 -9.99 -1.74 -1.83
CA LEU E 172 -10.12 -3.03 -1.12
C LEU E 172 -10.99 -2.88 0.12
N ALA E 173 -10.90 -1.73 0.80
CA ALA E 173 -11.87 -1.45 1.87
C ALA E 173 -13.32 -1.53 1.36
N ALA E 174 -13.60 -0.84 0.26
CA ALA E 174 -14.92 -0.89 -0.36
C ALA E 174 -15.35 -2.32 -0.73
N ILE E 175 -14.48 -3.13 -1.33
CA ILE E 175 -14.85 -4.53 -1.62
C ILE E 175 -15.23 -5.27 -0.34
N TYR E 176 -14.42 -5.10 0.70
CA TYR E 176 -14.58 -5.83 1.96
C TYR E 176 -15.89 -5.40 2.57
N ASN E 177 -16.07 -4.09 2.75
CA ASN E 177 -17.27 -3.60 3.44
C ASN E 177 -18.55 -3.91 2.65
N THR E 178 -18.50 -3.78 1.31
CA THR E 178 -19.67 -4.10 0.50
C THR E 178 -20.03 -5.56 0.69
N THR E 179 -19.02 -6.42 0.67
CA THR E 179 -19.27 -7.86 0.74
C THR E 179 -19.77 -8.26 2.14
N GLU E 180 -19.20 -7.64 3.19
CA GLU E 180 -19.69 -7.77 4.56
C GLU E 180 -21.17 -7.43 4.67
N LEU E 181 -21.63 -6.35 4.04
CA LEU E 181 -23.07 -6.04 4.10
C LEU E 181 -23.92 -7.14 3.47
N VAL E 182 -23.46 -7.63 2.32
CA VAL E 182 -24.15 -8.67 1.62
C VAL E 182 -24.18 -9.94 2.45
N MET E 183 -23.08 -10.27 3.11
CA MET E 183 -23.05 -11.47 3.92
C MET E 183 -24.12 -11.52 5.01
N MET E 184 -24.43 -10.37 5.59
CA MET E 184 -25.42 -10.28 6.65
C MET E 184 -26.82 -10.59 6.16
N GLN E 185 -27.09 -10.45 4.88
CA GLN E 185 -28.35 -10.82 4.32
C GLN E 185 -28.38 -12.27 3.80
N ASP E 186 -27.28 -12.99 3.82
CA ASP E 186 -27.18 -14.21 3.02
C ASP E 186 -27.66 -15.42 3.81
N SER E 187 -28.62 -16.13 3.28
CA SER E 187 -29.01 -17.41 3.87
C SER E 187 -28.68 -18.65 3.01
N SER E 188 -27.84 -18.54 2.02
CA SER E 188 -27.50 -19.67 1.16
C SER E 188 -26.50 -20.62 1.85
N PRO E 189 -26.46 -21.90 1.38
CA PRO E 189 -25.52 -22.87 1.96
C PRO E 189 -24.06 -22.42 1.93
N ASP E 190 -23.46 -22.41 3.11
CA ASP E 190 -22.06 -22.09 3.30
C ASP E 190 -21.72 -20.73 2.68
N PHE E 191 -22.69 -19.81 2.60
CA PHE E 191 -22.48 -18.40 2.16
C PHE E 191 -21.96 -18.39 0.72
N GLU E 192 -22.45 -19.34 -0.10
CA GLU E 192 -22.05 -19.41 -1.50
C GLU E 192 -22.44 -18.16 -2.24
N ASP E 193 -23.58 -17.58 -1.91
CA ASP E 193 -24.00 -16.34 -2.56
C ASP E 193 -23.06 -15.20 -2.19
N THR E 194 -22.61 -15.14 -0.94
CA THR E 194 -21.61 -14.12 -0.60
C THR E 194 -20.29 -14.25 -1.39
N TRP E 195 -19.74 -15.46 -1.49
CA TRP E 195 -18.48 -15.60 -2.19
C TRP E 195 -18.62 -15.32 -3.69
N ARG E 196 -19.76 -15.67 -4.30
CA ARG E 196 -20.02 -15.30 -5.71
C ARG E 196 -20.08 -13.79 -5.89
N PHE E 197 -20.72 -13.09 -4.95
CA PHE E 197 -20.74 -11.63 -4.98
C PHE E 197 -19.32 -11.08 -4.84
N LEU E 198 -18.55 -11.64 -3.90
CA LEU E 198 -17.18 -11.17 -3.72
C LEU E 198 -16.37 -11.37 -4.99
N GLU E 199 -16.56 -12.50 -5.65
CA GLU E 199 -15.82 -12.77 -6.87
C GLU E 199 -16.05 -11.68 -7.90
N ASN E 200 -17.32 -11.37 -8.15
CA ASN E 200 -17.72 -10.27 -9.03
C ASN E 200 -17.19 -8.90 -8.59
N ARG E 201 -17.26 -8.56 -7.32
CA ARG E 201 -16.67 -7.28 -6.87
C ARG E 201 -15.15 -7.20 -7.06
N VAL E 202 -14.42 -8.26 -6.75
CA VAL E 202 -12.99 -8.29 -7.04
C VAL E 202 -12.74 -8.22 -8.54
N ASN E 203 -13.40 -9.08 -9.29
CA ASN E 203 -13.17 -9.05 -10.72
C ASN E 203 -13.47 -7.67 -11.32
N ASP E 204 -14.55 -7.07 -10.92
CA ASP E 204 -14.88 -5.72 -11.42
C ASP E 204 -13.86 -4.67 -10.93
N ALA E 205 -13.48 -4.70 -9.67
CA ALA E 205 -12.47 -3.73 -9.20
C ALA E 205 -11.12 -3.91 -9.86
N MET E 206 -10.75 -5.13 -10.22
CA MET E 206 -9.50 -5.32 -10.92
C MET E 206 -9.53 -4.94 -12.37
N ASN E 207 -10.69 -4.70 -12.94
CA ASN E 207 -10.84 -4.36 -14.35
C ASN E 207 -11.89 -3.27 -14.53
N MET E 208 -11.75 -2.17 -13.82
CA MET E 208 -12.91 -1.28 -13.64
C MET E 208 -13.26 -0.64 -14.96
N GLY E 209 -12.27 -0.47 -15.84
CA GLY E 209 -12.49 0.27 -17.07
C GLY E 209 -13.38 -0.49 -18.03
N HIS E 210 -13.27 -1.81 -18.07
CA HIS E 210 -14.07 -2.68 -18.90
C HIS E 210 -15.43 -3.03 -18.30
N THR E 211 -15.80 -2.49 -17.15
CA THR E 211 -17.02 -2.88 -16.43
C THR E 211 -18.11 -1.84 -16.70
N ALA E 212 -19.25 -2.30 -17.17
CA ALA E 212 -20.39 -1.43 -17.41
C ALA E 212 -20.69 -0.52 -16.22
N GLN F 25 15.46 -29.76 11.54
CA GLN F 25 15.18 -30.58 10.34
C GLN F 25 16.49 -30.95 9.58
N HIS F 26 17.57 -30.28 9.92
CA HIS F 26 18.86 -30.72 9.43
C HIS F 26 19.17 -32.16 9.83
N ARG F 27 18.53 -32.69 10.86
CA ARG F 27 18.83 -34.04 11.32
C ARG F 27 17.94 -35.09 10.67
N ILE F 28 16.74 -34.71 10.25
CA ILE F 28 15.92 -35.66 9.51
C ILE F 28 16.55 -35.93 8.15
N LEU F 29 17.05 -34.88 7.50
CA LEU F 29 17.61 -35.05 6.17
C LEU F 29 18.88 -35.87 6.25
N THR F 30 19.69 -35.64 7.28
CA THR F 30 20.88 -36.46 7.48
C THR F 30 20.50 -37.93 7.58
N ALA F 31 19.53 -38.26 8.42
CA ALA F 31 19.10 -39.64 8.53
C ALA F 31 18.52 -40.17 7.22
N ALA F 32 17.82 -39.31 6.46
CA ALA F 32 17.19 -39.75 5.22
C ALA F 32 18.20 -40.20 4.16
N LEU F 33 19.44 -39.70 4.19
CA LEU F 33 20.44 -40.12 3.20
C LEU F 33 20.59 -41.62 3.18
N GLU F 34 20.54 -42.26 4.33
CA GLU F 34 20.75 -43.70 4.37
C GLU F 34 19.69 -44.45 3.58
N PHE F 35 18.54 -43.83 3.35
CA PHE F 35 17.41 -44.49 2.69
C PHE F 35 17.36 -44.21 1.20
N VAL F 36 18.22 -43.32 0.70
CA VAL F 36 18.21 -43.05 -0.75
C VAL F 36 18.57 -44.27 -1.59
N PRO F 37 19.60 -45.06 -1.29
CA PRO F 37 19.88 -46.25 -2.12
C PRO F 37 18.64 -47.05 -2.43
N ALA F 38 17.75 -47.24 -1.47
CA ALA F 38 16.53 -48.01 -1.65
C ALA F 38 15.36 -47.21 -2.25
N HIS F 39 15.17 -45.94 -1.86
CA HIS F 39 13.96 -45.19 -2.19
C HIS F 39 14.22 -44.00 -3.08
N GLY F 40 15.48 -43.66 -3.32
CA GLY F 40 15.78 -42.51 -4.19
C GLY F 40 15.52 -41.18 -3.52
N TRP F 41 15.67 -40.11 -4.31
CA TRP F 41 15.64 -38.74 -3.79
C TRP F 41 14.19 -38.32 -3.74
N THR F 42 13.47 -38.80 -2.72
CA THR F 42 12.02 -38.70 -2.71
C THR F 42 11.51 -38.25 -1.35
N ALA F 43 10.26 -37.78 -1.34
CA ALA F 43 9.59 -37.55 -0.08
C ALA F 43 9.55 -38.84 0.74
N GLU F 44 9.44 -39.99 0.07
CA GLU F 44 9.40 -41.25 0.82
C GLU F 44 10.66 -41.48 1.64
N ALA F 45 11.84 -41.16 1.08
CA ALA F 45 13.08 -41.37 1.83
C ALA F 45 13.13 -40.45 3.05
N ILE F 46 12.68 -39.21 2.88
CA ILE F 46 12.61 -38.27 4.02
C ILE F 46 11.70 -38.86 5.11
N ALA F 47 10.56 -39.42 4.70
CA ALA F 47 9.63 -39.98 5.68
C ALA F 47 10.27 -41.12 6.44
N GLU F 48 11.03 -41.98 5.74
CA GLU F 48 11.74 -43.05 6.41
C GLU F 48 12.81 -42.51 7.35
N GLY F 49 13.51 -41.47 6.93
CA GLY F 49 14.42 -40.79 7.84
C GLY F 49 13.74 -40.36 9.13
N ALA F 50 12.52 -39.87 9.03
CA ALA F 50 11.80 -39.44 10.23
C ALA F 50 11.60 -40.60 11.21
N GLN F 51 11.37 -41.82 10.71
CA GLN F 51 11.21 -42.98 11.61
C GLN F 51 12.46 -43.25 12.41
N SER F 52 13.61 -43.38 11.74
CA SER F 52 14.87 -43.64 12.42
C SER F 52 15.11 -42.70 13.60
N LEU F 53 14.37 -41.61 13.67
CA LEU F 53 14.53 -40.64 14.75
C LEU F 53 13.31 -40.56 15.65
N GLY F 54 12.27 -41.34 15.40
CA GLY F 54 11.07 -41.27 16.21
C GLY F 54 10.29 -39.98 16.01
N LEU F 55 10.14 -39.56 14.76
CA LEU F 55 9.42 -38.34 14.41
C LEU F 55 8.44 -38.65 13.28
N SER F 56 7.70 -39.75 13.45
CA SER F 56 6.75 -40.24 12.45
C SER F 56 5.94 -39.11 11.81
N SER F 57 5.57 -38.10 12.59
CA SER F 57 4.81 -36.97 12.07
C SER F 57 5.31 -35.61 12.56
N ALA F 58 5.89 -35.51 13.76
CA ALA F 58 6.36 -34.26 14.34
C ALA F 58 6.94 -33.33 13.28
N ALA F 59 7.53 -33.90 12.24
CA ALA F 59 8.09 -33.10 11.15
C ALA F 59 7.96 -33.78 9.81
N ALA F 60 7.17 -34.87 9.70
CA ALA F 60 6.97 -35.48 8.41
C ALA F 60 6.35 -34.49 7.41
N SER F 61 5.76 -33.40 7.91
CA SER F 61 4.98 -32.49 7.08
C SER F 61 5.68 -31.14 6.85
N MET F 62 6.99 -31.06 7.09
CA MET F 62 7.71 -29.83 6.79
C MET F 62 8.21 -29.76 5.36
N PHE F 63 8.08 -30.83 4.60
CA PHE F 63 8.75 -30.97 3.32
C PHE F 63 7.74 -31.05 2.18
N GLY F 64 8.19 -30.63 1.00
CA GLY F 64 7.38 -30.73 -0.17
C GLY F 64 7.32 -32.17 -0.68
N LYS F 65 6.87 -32.29 -1.91
CA LYS F 65 6.57 -33.59 -2.48
C LYS F 65 7.69 -34.13 -3.36
N ASP F 66 8.66 -33.30 -3.77
CA ASP F 66 9.53 -33.71 -4.87
C ASP F 66 10.97 -34.04 -4.47
N GLY F 67 11.34 -33.96 -3.19
CA GLY F 67 12.67 -34.33 -2.73
C GLY F 67 13.72 -33.23 -2.80
N SER F 68 13.33 -32.00 -3.14
CA SER F 68 14.27 -30.92 -3.30
C SER F 68 15.17 -30.78 -2.08
N GLU F 69 14.61 -30.80 -0.90
CA GLU F 69 15.35 -30.51 0.32
C GLU F 69 16.45 -31.53 0.57
N LEU F 70 16.19 -32.77 0.22
CA LEU F 70 17.12 -33.83 0.53
C LEU F 70 18.31 -33.75 -0.40
N ILE F 71 18.07 -33.60 -1.71
CA ILE F 71 19.21 -33.49 -2.62
C ILE F 71 19.97 -32.22 -2.39
N LEU F 72 19.30 -31.08 -2.18
CA LEU F 72 20.07 -29.89 -1.84
C LEU F 72 20.92 -30.10 -0.58
N HIS F 73 20.37 -30.75 0.45
CA HIS F 73 21.15 -31.06 1.62
C HIS F 73 22.39 -31.87 1.26
N PHE F 74 22.21 -32.92 0.46
CA PHE F 74 23.37 -33.73 0.11
C PHE F 74 24.45 -32.89 -0.62
N VAL F 75 24.06 -32.11 -1.62
CA VAL F 75 25.05 -31.36 -2.38
C VAL F 75 25.80 -30.38 -1.47
N THR F 76 25.06 -29.69 -0.60
CA THR F 76 25.69 -28.82 0.39
C THR F 76 26.65 -29.60 1.29
N GLN F 77 26.28 -30.76 1.78
CA GLN F 77 27.21 -31.58 2.54
C GLN F 77 28.45 -31.95 1.73
N CYS F 78 28.27 -32.34 0.46
CA CYS F 78 29.45 -32.70 -0.34
C CYS F 78 30.39 -31.50 -0.48
N ASN F 79 29.85 -30.30 -0.70
CA ASN F 79 30.73 -29.13 -0.86
C ASN F 79 31.47 -28.81 0.43
N THR F 80 30.79 -28.92 1.57
CA THR F 80 31.46 -28.71 2.86
C THR F 80 32.57 -29.75 3.09
N ARG F 81 32.28 -31.00 2.74
CA ARG F 81 33.32 -32.02 2.88
C ARG F 81 34.48 -31.78 1.93
N LEU F 82 34.21 -31.23 0.75
CA LEU F 82 35.29 -30.97 -0.18
C LEU F 82 36.23 -29.95 0.40
N THR F 83 35.68 -28.85 0.94
CA THR F 83 36.52 -27.81 1.49
C THR F 83 37.40 -28.35 2.62
N ARG F 84 36.85 -29.24 3.45
CA ARG F 84 37.64 -29.85 4.53
C ARG F 84 38.83 -30.62 3.98
N VAL F 85 38.60 -31.41 2.93
CA VAL F 85 39.66 -32.16 2.28
C VAL F 85 40.71 -31.21 1.71
N LEU F 86 40.27 -30.18 0.98
CA LEU F 86 41.25 -29.26 0.42
C LEU F 86 42.06 -28.53 1.50
N GLU F 87 41.41 -28.18 2.61
CA GLU F 87 42.12 -27.50 3.70
C GLU F 87 43.14 -28.44 4.36
N GLU F 88 42.74 -29.68 4.59
CA GLU F 88 43.68 -30.65 5.17
C GLU F 88 44.80 -30.99 4.20
N GLU F 89 44.50 -31.12 2.91
CA GLU F 89 45.61 -31.37 1.97
C GLU F 89 46.60 -30.22 1.98
N GLN F 90 46.10 -28.99 2.14
CA GLN F 90 46.97 -27.84 2.14
C GLN F 90 47.85 -27.81 3.37
N LYS F 91 47.34 -28.15 4.54
CA LYS F 91 48.17 -28.26 5.74
C LYS F 91 49.28 -29.32 5.57
N LEU F 92 48.92 -30.50 5.07
CA LEU F 92 49.92 -31.53 4.74
C LEU F 92 51.03 -30.94 3.89
N VAL F 93 50.69 -30.12 2.88
CA VAL F 93 51.78 -29.62 2.04
C VAL F 93 52.64 -28.64 2.82
N GLN F 94 52.02 -27.76 3.60
CA GLN F 94 52.79 -26.82 4.40
C GLN F 94 53.72 -27.46 5.42
N LEU F 95 53.71 -28.79 5.54
CA LEU F 95 54.59 -29.50 6.48
C LEU F 95 55.47 -30.56 5.79
N GLY F 96 55.58 -30.53 4.47
CA GLY F 96 56.38 -31.54 3.79
C GLY F 96 55.80 -32.95 3.78
N GLN F 97 54.54 -33.14 4.13
CA GLN F 97 53.99 -34.49 4.17
C GLN F 97 53.30 -34.84 2.86
N ALA F 98 53.29 -33.94 1.89
CA ALA F 98 52.84 -34.22 0.56
C ALA F 98 53.57 -33.26 -0.36
N GLU F 99 53.80 -33.69 -1.61
CA GLU F 99 54.34 -32.78 -2.62
C GLU F 99 53.25 -31.83 -3.11
N LYS F 100 53.68 -30.63 -3.51
CA LYS F 100 52.79 -29.75 -4.25
C LYS F 100 52.62 -30.32 -5.65
N ARG F 101 51.42 -30.18 -6.20
CA ARG F 101 51.12 -30.55 -7.56
C ARG F 101 50.95 -29.29 -8.39
N LYS F 102 51.16 -29.41 -9.68
CA LYS F 102 50.86 -28.32 -10.57
C LYS F 102 49.34 -28.09 -10.59
N THR F 103 48.93 -26.97 -11.18
CA THR F 103 47.50 -26.64 -11.13
C THR F 103 46.67 -27.67 -11.88
N ASP F 104 47.16 -28.15 -13.01
CA ASP F 104 46.34 -29.12 -13.77
C ASP F 104 46.10 -30.38 -12.95
N GLN F 105 47.14 -30.85 -12.25
CA GLN F 105 47.02 -32.04 -11.42
C GLN F 105 46.16 -31.77 -10.19
N PHE F 106 46.31 -30.61 -9.57
CA PHE F 106 45.43 -30.21 -8.47
C PHE F 106 43.94 -30.23 -8.86
N LEU F 107 43.59 -29.64 -10.01
CA LEU F 107 42.17 -29.54 -10.39
C LEU F 107 41.61 -30.93 -10.70
N ARG F 108 42.43 -31.81 -11.29
CA ARG F 108 42.02 -33.17 -11.56
C ARG F 108 41.72 -33.88 -10.26
N ASP F 109 42.63 -33.82 -9.31
CA ASP F 109 42.43 -34.46 -8.01
C ASP F 109 41.22 -33.88 -7.28
N ALA F 110 41.04 -32.57 -7.36
CA ALA F 110 39.91 -31.94 -6.66
C ALA F 110 38.57 -32.39 -7.23
N VAL F 111 38.42 -32.36 -8.55
CA VAL F 111 37.22 -32.77 -9.23
C VAL F 111 36.93 -34.25 -8.93
N GLU F 112 37.96 -35.08 -9.02
CA GLU F 112 37.74 -36.49 -8.75
C GLU F 112 37.33 -36.71 -7.32
N THR F 113 37.99 -36.06 -6.36
CA THR F 113 37.54 -36.10 -4.97
C THR F 113 36.07 -35.76 -4.83
N ARG F 114 35.61 -34.68 -5.48
CA ARG F 114 34.23 -34.25 -5.32
C ARG F 114 33.25 -35.24 -6.00
N LEU F 115 33.60 -35.74 -7.19
CA LEU F 115 32.67 -36.62 -7.92
C LEU F 115 32.53 -37.98 -7.25
N ARG F 116 33.60 -38.45 -6.62
CA ARG F 116 33.54 -39.75 -5.98
C ARG F 116 32.51 -39.80 -4.86
N MET F 117 32.21 -38.65 -4.25
CA MET F 117 31.17 -38.58 -3.23
C MET F 117 29.80 -38.98 -3.76
N LEU F 118 29.61 -38.92 -5.09
CA LEU F 118 28.36 -39.33 -5.71
C LEU F 118 28.21 -40.82 -5.89
N ILE F 119 29.32 -41.59 -5.79
CA ILE F 119 29.30 -42.97 -6.27
C ILE F 119 28.29 -43.81 -5.48
N PRO F 120 28.14 -43.67 -4.17
CA PRO F 120 27.17 -44.53 -3.47
C PRO F 120 25.74 -44.24 -3.89
N TYR F 121 25.51 -43.17 -4.62
CA TYR F 121 24.19 -42.80 -5.11
C TYR F 121 24.13 -42.75 -6.63
N ILE F 122 25.12 -43.33 -7.33
CA ILE F 122 25.22 -43.02 -8.76
C ILE F 122 24.04 -43.55 -9.58
N GLU F 123 23.39 -44.58 -9.11
CA GLU F 123 22.23 -45.13 -9.80
C GLU F 123 21.05 -44.16 -9.81
N HIS F 124 20.98 -43.32 -8.80
CA HIS F 124 19.92 -42.34 -8.69
C HIS F 124 20.34 -40.95 -9.16
N TRP F 125 21.53 -40.80 -9.70
CA TRP F 125 22.00 -39.45 -9.88
C TRP F 125 21.29 -38.76 -11.05
N PRO F 126 20.88 -39.43 -12.13
CA PRO F 126 20.06 -38.68 -13.14
C PRO F 126 18.78 -38.10 -12.59
N ARG F 127 18.14 -38.83 -11.70
CA ARG F 127 16.98 -38.28 -11.03
C ARG F 127 17.38 -37.11 -10.10
N ALA F 128 18.51 -37.23 -9.41
CA ALA F 128 18.95 -36.11 -8.58
C ALA F 128 19.11 -34.87 -9.42
N LEU F 129 19.78 -35.01 -10.55
CA LEU F 129 20.02 -33.86 -11.41
C LEU F 129 18.71 -33.28 -11.90
N SER F 130 17.70 -34.09 -12.17
CA SER F 130 16.45 -33.55 -12.66
C SER F 130 15.73 -32.71 -11.64
N ILE F 131 15.89 -33.04 -10.36
CA ILE F 131 15.39 -32.23 -9.27
C ILE F 131 16.15 -30.92 -9.13
N LEU F 132 17.48 -30.99 -9.15
CA LEU F 132 18.30 -29.80 -8.96
C LEU F 132 18.06 -28.77 -10.04
N MET F 133 17.59 -29.18 -11.20
N MET F 133 17.60 -29.19 -11.20
CA MET F 133 17.32 -28.26 -12.31
CA MET F 133 17.31 -28.30 -12.34
C MET F 133 15.87 -27.79 -12.38
C MET F 133 15.89 -27.72 -12.32
N LEU F 134 15.02 -28.20 -11.43
CA LEU F 134 13.70 -27.63 -11.38
C LEU F 134 13.81 -26.13 -11.13
N PRO F 135 12.86 -25.33 -11.62
CA PRO F 135 13.06 -23.87 -11.66
C PRO F 135 13.04 -23.27 -10.28
N HIS F 136 12.31 -23.89 -9.31
CA HIS F 136 12.44 -23.36 -7.95
C HIS F 136 13.73 -23.78 -7.25
N ASN F 137 14.50 -24.70 -7.82
CA ASN F 137 15.81 -25.06 -7.24
C ASN F 137 17.02 -24.52 -7.98
N ILE F 138 16.92 -24.24 -9.27
CA ILE F 138 18.13 -23.89 -10.04
C ILE F 138 18.88 -22.68 -9.47
N PRO F 139 18.28 -21.65 -8.85
CA PRO F 139 19.16 -20.62 -8.29
C PRO F 139 20.04 -21.18 -7.19
N SER F 140 19.51 -22.01 -6.33
CA SER F 140 20.33 -22.59 -5.27
C SER F 140 21.35 -23.53 -5.85
N SER F 141 20.97 -24.37 -6.84
CA SER F 141 21.91 -25.26 -7.45
C SER F 141 23.06 -24.51 -8.06
N LEU F 142 22.77 -23.43 -8.75
CA LEU F 142 23.80 -22.65 -9.41
C LEU F 142 24.74 -21.99 -8.41
N SER F 143 24.17 -21.49 -7.31
CA SER F 143 24.98 -20.97 -6.22
C SER F 143 25.92 -22.03 -5.63
N LEU F 144 25.45 -23.26 -5.45
CA LEU F 144 26.30 -24.31 -4.92
C LEU F 144 27.44 -24.62 -5.87
N LEU F 145 27.16 -24.73 -7.17
CA LEU F 145 28.21 -24.96 -8.17
C LEU F 145 29.21 -23.82 -8.18
N THR F 146 28.74 -22.60 -8.08
CA THR F 146 29.63 -21.45 -8.10
C THR F 146 30.56 -21.42 -6.90
N SER F 147 30.02 -21.67 -5.70
CA SER F 147 30.86 -21.76 -4.51
C SER F 147 31.91 -22.85 -4.60
N MET F 148 31.52 -24.02 -5.10
CA MET F 148 32.42 -25.15 -5.21
C MET F 148 33.57 -24.83 -6.15
N VAL F 149 33.23 -24.22 -7.27
CA VAL F 149 34.28 -23.83 -8.22
C VAL F 149 35.20 -22.80 -7.56
N ASP F 150 34.58 -21.80 -6.93
CA ASP F 150 35.42 -20.75 -6.30
C ASP F 150 36.34 -21.34 -5.24
N ASP F 151 35.83 -22.33 -4.49
CA ASP F 151 36.62 -23.05 -3.50
C ASP F 151 37.84 -23.75 -4.11
N MET F 152 37.60 -24.49 -5.20
CA MET F 152 38.67 -25.22 -5.89
C MET F 152 39.76 -24.25 -6.32
N TRP F 153 39.35 -23.12 -6.90
CA TRP F 153 40.35 -22.12 -7.36
C TRP F 153 41.05 -21.45 -6.18
N HIS F 154 40.35 -21.25 -5.06
CA HIS F 154 40.99 -20.71 -3.86
C HIS F 154 42.18 -21.57 -3.43
N TYR F 155 41.96 -22.89 -3.33
CA TYR F 155 43.01 -23.81 -2.89
C TYR F 155 43.97 -24.16 -4.01
N ALA F 156 43.60 -23.93 -5.26
CA ALA F 156 44.59 -24.14 -6.32
C ALA F 156 45.63 -23.03 -6.35
N GLY F 157 45.32 -21.85 -5.86
CA GLY F 157 46.19 -20.71 -6.04
C GLY F 157 46.06 -20.14 -7.44
N ASP F 158 46.62 -18.98 -7.64
CA ASP F 158 46.55 -18.28 -8.92
C ASP F 158 47.86 -18.34 -9.67
N GLN F 159 48.87 -19.02 -9.13
CA GLN F 159 50.22 -18.90 -9.69
C GLN F 159 50.30 -19.44 -11.11
N SER F 160 49.38 -20.34 -11.49
CA SER F 160 49.50 -20.95 -12.81
C SER F 160 49.35 -19.92 -13.93
N THR F 161 50.02 -20.20 -15.05
CA THR F 161 49.99 -19.34 -16.23
C THR F 161 49.18 -19.92 -17.39
N ASP F 162 48.55 -21.07 -17.22
CA ASP F 162 47.74 -21.69 -18.26
C ASP F 162 46.25 -21.42 -18.08
N PHE F 163 45.87 -20.63 -17.08
CA PHE F 163 44.51 -20.18 -16.88
C PHE F 163 44.52 -18.70 -16.57
N ASN F 164 43.42 -18.03 -16.93
CA ASN F 164 43.33 -16.60 -16.70
C ASN F 164 42.04 -16.32 -15.96
N TRP F 165 42.01 -15.14 -15.34
CA TRP F 165 40.97 -14.81 -14.39
C TRP F 165 39.62 -14.77 -15.05
N TYR F 166 39.57 -14.40 -16.34
CA TYR F 166 38.29 -14.13 -16.98
C TYR F 166 37.60 -15.36 -17.53
N THR F 167 38.28 -16.51 -17.71
CA THR F 167 37.61 -17.70 -18.17
C THR F 167 37.67 -18.88 -17.22
N ARG F 168 38.52 -18.83 -16.19
CA ARG F 168 38.82 -20.05 -15.47
C ARG F 168 37.64 -20.54 -14.63
N ARG F 169 36.76 -19.66 -14.17
CA ARG F 169 35.68 -20.11 -13.27
C ARG F 169 34.63 -20.91 -14.04
N ALA F 170 34.16 -20.35 -15.15
CA ALA F 170 33.15 -21.01 -15.95
C ALA F 170 33.75 -22.20 -16.65
N MET F 171 35.02 -22.07 -17.08
CA MET F 171 35.70 -23.23 -17.68
C MET F 171 35.80 -24.40 -16.70
N LEU F 172 36.11 -24.13 -15.44
CA LEU F 172 36.14 -25.24 -14.50
C LEU F 172 34.76 -25.84 -14.24
N ALA F 173 33.71 -25.00 -14.20
CA ALA F 173 32.31 -25.47 -14.08
C ALA F 173 31.89 -26.37 -15.23
N ALA F 174 32.25 -26.01 -16.47
CA ALA F 174 32.00 -26.84 -17.64
C ALA F 174 32.73 -28.16 -17.58
N ILE F 175 33.96 -28.16 -17.15
CA ILE F 175 34.70 -29.40 -16.99
C ILE F 175 34.04 -30.31 -15.97
N TYR F 176 33.67 -29.74 -14.83
CA TYR F 176 33.05 -30.52 -13.78
C TYR F 176 31.75 -31.10 -14.29
N ASN F 177 30.91 -30.31 -14.90
CA ASN F 177 29.58 -30.80 -15.31
C ASN F 177 29.69 -31.85 -16.42
N THR F 178 30.57 -31.64 -17.41
CA THR F 178 30.66 -32.60 -18.50
C THR F 178 31.23 -33.91 -17.97
N THR F 179 32.21 -33.82 -17.06
CA THR F 179 32.77 -35.04 -16.47
C THR F 179 31.69 -35.80 -15.65
N GLU F 180 30.86 -35.08 -14.92
CA GLU F 180 29.77 -35.72 -14.19
C GLU F 180 28.81 -36.45 -15.15
N LEU F 181 28.47 -35.84 -16.28
CA LEU F 181 27.62 -36.54 -17.23
C LEU F 181 28.27 -37.81 -17.75
N VAL F 182 29.58 -37.77 -17.98
CA VAL F 182 30.28 -38.96 -18.42
C VAL F 182 30.27 -40.01 -17.33
N MET F 183 30.52 -39.60 -16.09
CA MET F 183 30.60 -40.52 -14.98
C MET F 183 29.29 -41.34 -14.84
N MET F 184 28.16 -40.73 -15.08
CA MET F 184 26.88 -41.41 -14.88
C MET F 184 26.69 -42.62 -15.80
N GLN F 185 27.33 -42.64 -16.98
CA GLN F 185 27.24 -43.77 -17.90
C GLN F 185 28.49 -44.69 -17.87
N ASP F 186 29.45 -44.44 -16.99
CA ASP F 186 30.77 -45.09 -17.07
C ASP F 186 30.72 -46.36 -16.26
N SER F 187 30.94 -47.50 -16.92
CA SER F 187 31.01 -48.79 -16.24
C SER F 187 32.43 -49.33 -16.10
N SER F 188 33.43 -48.54 -16.38
CA SER F 188 34.78 -49.04 -16.40
C SER F 188 35.30 -49.21 -14.97
N PRO F 189 36.41 -49.94 -14.81
CA PRO F 189 36.92 -50.19 -13.46
C PRO F 189 37.31 -48.94 -12.69
N ASP F 190 36.75 -48.81 -11.48
CA ASP F 190 36.89 -47.64 -10.64
C ASP F 190 36.80 -46.34 -11.43
N PHE F 191 35.90 -46.30 -12.43
CA PHE F 191 35.61 -45.10 -13.21
C PHE F 191 36.85 -44.57 -13.92
N GLU F 192 37.75 -45.46 -14.32
CA GLU F 192 38.98 -45.03 -14.99
C GLU F 192 38.70 -44.21 -16.26
N ASP F 193 37.65 -44.55 -17.03
CA ASP F 193 37.31 -43.74 -18.21
C ASP F 193 36.92 -42.31 -17.86
N THR F 194 36.15 -42.14 -16.78
CA THR F 194 35.79 -40.78 -16.37
C THR F 194 37.03 -39.94 -16.06
N TRP F 195 37.98 -40.50 -15.31
CA TRP F 195 39.16 -39.74 -14.92
C TRP F 195 40.09 -39.48 -16.11
N ARG F 196 40.17 -40.38 -17.06
CA ARG F 196 40.83 -40.07 -18.34
C ARG F 196 40.06 -39.01 -19.12
N PHE F 197 38.73 -39.04 -19.14
CA PHE F 197 37.99 -37.94 -19.76
C PHE F 197 38.36 -36.62 -19.13
N LEU F 198 38.38 -36.58 -17.81
CA LEU F 198 38.64 -35.37 -17.06
C LEU F 198 40.06 -34.86 -17.34
N GLU F 199 40.97 -35.76 -17.55
CA GLU F 199 42.34 -35.36 -17.78
C GLU F 199 42.46 -34.70 -19.14
N ASN F 200 41.84 -35.27 -20.16
CA ASN F 200 41.80 -34.67 -21.48
C ASN F 200 41.18 -33.27 -21.42
N ARG F 201 40.05 -33.15 -20.72
CA ARG F 201 39.38 -31.87 -20.63
C ARG F 201 40.27 -30.82 -19.97
N VAL F 202 40.90 -31.18 -18.85
CA VAL F 202 41.72 -30.20 -18.17
C VAL F 202 42.87 -29.81 -19.08
N ASN F 203 43.39 -30.77 -19.83
CA ASN F 203 44.52 -30.45 -20.70
C ASN F 203 44.09 -29.54 -21.86
N ASP F 204 42.88 -29.75 -22.40
CA ASP F 204 42.39 -28.90 -23.48
C ASP F 204 42.18 -27.46 -22.99
N ALA F 205 41.65 -27.29 -21.79
CA ALA F 205 41.48 -25.95 -21.24
C ALA F 205 42.79 -25.17 -21.19
N MET F 206 43.87 -25.84 -20.81
CA MET F 206 45.15 -25.15 -20.70
C MET F 206 45.71 -24.75 -22.06
N ASN F 207 45.56 -25.62 -23.06
CA ASN F 207 46.06 -25.40 -24.40
C ASN F 207 45.13 -24.56 -25.26
N MET F 208 43.95 -24.25 -24.76
CA MET F 208 42.94 -23.51 -25.52
C MET F 208 43.22 -22.01 -25.48
#